data_6EKU
#
_entry.id   6EKU
#
_cell.length_a   190.553
_cell.length_b   50.344
_cell.length_c   86.087
_cell.angle_alpha   90.00
_cell.angle_beta   107.24
_cell.angle_gamma   90.00
#
_symmetry.space_group_name_H-M   'C 1 2 1'
#
loop_
_entity.id
_entity.type
_entity.pdbx_description
1 polymer Sialidase
2 non-polymer ZANAMIVIR
3 non-polymer GLYCEROL
4 non-polymer 'CALCIUM ION'
5 non-polymer 'SODIUM ION'
6 non-polymer DI(HYDROXYETHYL)ETHER
7 water water
#
_entity_poly.entity_id   1
_entity_poly.type   'polypeptide(L)'
_entity_poly.pdbx_seq_one_letter_code
;ALFDYNATGDTEFDSPAKQGWMQDNTNNGSGVLTNADGMPAWLVQGIGGRAQWTYSLSTNQHAQASSFGWRMTTEMKVLS
GGMITNYYANGTQRVLPIISLDSSGNLVVEFEGQTGRTVLATGTAATEYHKFELVFLPGSNPSASFYFDGKLIRDNIQPT
ASKQNMIVWGNGSSNTDGVAAYRDIKFEIQGDVIFRGPDRIPSIVASSVTPGVVTAFAEKRVGGGDPGALSNTNDIITRT
SRDGGITWDTELNLTEQINVSDEFDFSDPRPIYDPSSNTVLVSYARWPTDAAQNGDRIKPWMPNGIFYSVYDVASGNWQA
PIDVTDQVKERSFQIAGWGGSELYRRNTSLNSQQDWQSNAKIRIVDGAANQIQVADGSRKYVVTLSIDESGGLVANLNGV
SAPIILQSEHAKVHSFHDYELQYSALNHTTTLFVDGQQITTWAGEVSQENNIQFGNADAQIDGRLHVQKIVLTQQGHNLV
EFDAFYLAQQTPEVEKDLEKLGWTKIKTGNTMSLYGNASVNPGPGHGITLTRQQNISGSQNGRLIYPAIVLDRFFLNVMS
IYSDDGGSNWQTGSTLPIPFRWKSSSILETLEPSEADMVELQNGDLLLTARLDFNQIVNGVNYSPRQQFLSKDGGITWSL
LEANNANVFSNISTGTVDASITRFEQSDGSHFLLFTNPQGNPAGTNGRQNLGLWFSFDEGVTWKGPIQLVNGASAYSDIY
QLDSENAIVIVETDNSNMRILRMPITLLKQKLTLSQN
;
_entity_poly.pdbx_strand_id   A
#
loop_
_chem_comp.id
_chem_comp.type
_chem_comp.name
_chem_comp.formula
CA non-polymer 'CALCIUM ION' 'Ca 2'
GOL non-polymer GLYCEROL 'C3 H8 O3'
NA non-polymer 'SODIUM ION' 'Na 1'
PEG non-polymer DI(HYDROXYETHYL)ETHER 'C4 H10 O3'
ZMR D-saccharide ZANAMIVIR 'C12 H20 N4 O7'
#
# COMPACT_ATOMS: atom_id res chain seq x y z
N ALA A 1 -4.97 -23.06 7.85
CA ALA A 1 -4.53 -24.35 8.40
C ALA A 1 -4.44 -25.39 7.30
N LEU A 2 -3.41 -26.21 7.36
CA LEU A 2 -3.18 -27.22 6.33
C LEU A 2 -3.31 -28.64 6.88
N PHE A 3 -3.96 -29.51 6.13
CA PHE A 3 -4.10 -30.90 6.52
C PHE A 3 -3.63 -31.73 5.37
N ASP A 4 -2.59 -32.53 5.58
CA ASP A 4 -2.01 -33.19 4.42
C ASP A 4 -1.47 -34.59 4.68
N TYR A 5 -1.29 -35.31 3.58
CA TYR A 5 -0.51 -36.53 3.58
C TYR A 5 0.57 -36.35 2.54
N ASN A 6 1.82 -36.60 2.93
CA ASN A 6 2.94 -36.50 2.03
C ASN A 6 3.69 -37.82 1.98
N ALA A 7 3.54 -38.54 0.88
CA ALA A 7 4.18 -39.85 0.73
C ALA A 7 5.69 -39.74 0.88
N THR A 8 6.25 -40.57 1.74
CA THR A 8 7.69 -40.61 1.93
C THR A 8 8.10 -41.96 2.53
N GLY A 9 9.27 -42.43 2.14
CA GLY A 9 9.78 -43.70 2.62
C GLY A 9 10.35 -43.57 4.02
N ASP A 10 10.43 -42.32 4.49
CA ASP A 10 10.90 -42.03 5.84
C ASP A 10 10.07 -42.80 6.86
N THR A 11 10.73 -43.71 7.58
CA THR A 11 10.05 -44.58 8.54
C THR A 11 9.27 -43.81 9.60
N GLU A 12 9.60 -42.53 9.76
CA GLU A 12 8.96 -41.66 10.73
C GLU A 12 7.59 -41.17 10.24
N PHE A 13 7.39 -41.12 8.93
CA PHE A 13 6.08 -40.78 8.34
C PHE A 13 5.78 -41.64 7.10
N ASP A 14 5.91 -42.97 7.23
CA ASP A 14 5.87 -43.82 6.04
C ASP A 14 4.49 -44.42 5.70
N SER A 15 3.42 -43.82 6.22
CA SER A 15 2.05 -44.24 5.86
C SER A 15 1.03 -43.18 6.30
N PRO A 16 -0.20 -43.23 5.76
CA PRO A 16 -1.20 -42.22 6.16
C PRO A 16 -1.63 -42.30 7.62
N ALA A 17 -1.63 -43.49 8.21
CA ALA A 17 -1.96 -43.61 9.62
C ALA A 17 -0.96 -42.84 10.48
N LYS A 18 0.31 -42.86 10.07
CA LYS A 18 1.36 -42.17 10.80
C LYS A 18 1.26 -40.65 10.65
N GLN A 19 0.44 -40.20 9.71
CA GLN A 19 0.25 -38.77 9.49
C GLN A 19 -1.17 -38.35 9.86
N GLY A 20 -1.83 -39.15 10.69
CA GLY A 20 -3.11 -38.77 11.26
C GLY A 20 -4.37 -38.99 10.44
N TRP A 21 -4.26 -39.76 9.36
CA TRP A 21 -5.42 -40.12 8.55
C TRP A 21 -6.06 -41.42 9.05
N MET A 22 -7.38 -41.56 8.87
CA MET A 22 -8.09 -42.75 9.31
C MET A 22 -8.37 -43.70 8.16
N GLN A 23 -7.97 -44.94 8.32
CA GLN A 23 -8.23 -45.96 7.32
C GLN A 23 -9.71 -46.28 7.23
N ASP A 24 -10.24 -46.33 6.02
CA ASP A 24 -11.66 -46.61 5.82
C ASP A 24 -11.85 -47.54 4.64
N ASN A 25 -11.47 -48.80 4.84
CA ASN A 25 -11.60 -49.82 3.81
C ASN A 25 -12.78 -50.74 4.07
N THR A 26 -13.30 -51.35 3.01
CA THR A 26 -14.25 -52.44 3.18
C THR A 26 -13.76 -53.65 2.39
N ASN A 27 -14.16 -54.83 2.84
CA ASN A 27 -13.88 -56.08 2.14
C ASN A 27 -12.42 -56.23 1.72
N ASN A 28 -12.19 -56.42 0.42
CA ASN A 28 -10.85 -56.66 -0.05
C ASN A 28 -10.08 -55.39 -0.38
N GLY A 29 -10.66 -54.25 -0.04
CA GLY A 29 -10.01 -52.96 -0.22
C GLY A 29 -8.76 -52.88 0.65
N SER A 30 -7.69 -52.35 0.08
CA SER A 30 -6.41 -52.28 0.77
C SER A 30 -5.54 -51.13 0.27
N GLY A 31 -4.31 -51.07 0.77
CA GLY A 31 -3.35 -50.07 0.34
C GLY A 31 -1.95 -50.45 0.76
N VAL A 32 -0.96 -49.91 0.06
CA VAL A 32 0.43 -50.28 0.32
C VAL A 32 1.36 -49.16 -0.15
N LEU A 33 2.46 -48.98 0.55
CA LEU A 33 3.46 -47.97 0.17
C LEU A 33 4.33 -48.48 -0.96
N THR A 34 4.48 -47.68 -2.01
CA THR A 34 5.27 -48.07 -3.17
C THR A 34 6.42 -47.11 -3.43
N ASN A 35 7.46 -47.62 -4.08
CA ASN A 35 8.60 -46.80 -4.44
C ASN A 35 8.92 -47.00 -5.92
N ALA A 36 8.04 -46.48 -6.77
CA ALA A 36 8.10 -46.69 -8.22
C ALA A 36 9.45 -46.32 -8.81
N ASP A 37 9.88 -45.08 -8.58
CA ASP A 37 11.12 -44.58 -9.15
C ASP A 37 11.74 -43.51 -8.26
N GLY A 38 12.07 -43.89 -7.02
CA GLY A 38 12.63 -42.97 -6.07
C GLY A 38 11.56 -42.15 -5.39
N MET A 39 10.48 -41.89 -6.12
CA MET A 39 9.34 -41.14 -5.59
C MET A 39 8.36 -42.07 -4.89
N PRO A 40 8.26 -41.94 -3.56
CA PRO A 40 7.31 -42.75 -2.80
C PRO A 40 5.87 -42.38 -3.11
N ALA A 41 4.96 -43.33 -2.96
CA ALA A 41 3.54 -43.07 -3.20
C ALA A 41 2.71 -44.06 -2.41
N TRP A 42 1.51 -43.66 -2.01
CA TRP A 42 0.61 -44.62 -1.39
C TRP A 42 -0.32 -45.19 -2.45
N LEU A 43 -0.21 -46.49 -2.67
CA LEU A 43 -1.02 -47.16 -3.68
C LEU A 43 -2.36 -47.58 -3.10
N VAL A 44 -3.41 -46.90 -3.54
CA VAL A 44 -4.77 -47.24 -3.12
C VAL A 44 -5.32 -48.36 -4.00
N GLN A 45 -5.50 -49.53 -3.40
CA GLN A 45 -6.00 -50.69 -4.14
C GLN A 45 -7.43 -50.99 -3.77
N GLY A 46 -8.37 -50.37 -4.50
CA GLY A 46 -9.79 -50.52 -4.20
C GLY A 46 -10.47 -51.58 -5.04
N ILE A 47 -9.89 -52.78 -5.02
CA ILE A 47 -10.41 -53.91 -5.79
C ILE A 47 -11.20 -54.85 -4.88
N GLY A 48 -12.46 -55.06 -5.23
CA GLY A 48 -13.33 -55.89 -4.42
C GLY A 48 -13.70 -55.23 -3.11
N GLY A 49 -13.69 -53.90 -3.07
CA GLY A 49 -14.09 -53.19 -1.87
C GLY A 49 -13.59 -51.75 -1.87
N ARG A 50 -14.05 -50.98 -0.89
CA ARG A 50 -13.66 -49.58 -0.78
C ARG A 50 -12.27 -49.42 -0.17
N ALA A 51 -11.53 -48.40 -0.59
CA ALA A 51 -10.21 -48.14 -0.03
C ALA A 51 -9.94 -46.65 -0.02
N GLN A 52 -10.12 -46.02 1.15
CA GLN A 52 -9.89 -44.58 1.23
C GLN A 52 -9.34 -44.19 2.59
N TRP A 53 -8.91 -42.94 2.69
CA TRP A 53 -8.39 -42.38 3.94
C TRP A 53 -9.15 -41.11 4.28
N THR A 54 -9.42 -40.90 5.55
CA THR A 54 -10.24 -39.76 5.95
C THR A 54 -9.57 -38.93 7.04
N TYR A 55 -9.93 -37.65 7.07
CA TYR A 55 -9.52 -36.76 8.15
C TYR A 55 -10.74 -35.98 8.62
N SER A 56 -11.01 -36.02 9.91
CA SER A 56 -12.19 -35.36 10.45
C SER A 56 -11.91 -33.92 10.87
N LEU A 57 -12.86 -33.02 10.65
CA LEU A 57 -12.73 -31.62 11.03
C LEU A 57 -13.83 -31.26 12.01
N SER A 58 -13.54 -30.29 12.88
CA SER A 58 -14.54 -29.84 13.84
C SER A 58 -15.61 -28.98 13.17
N THR A 59 -16.69 -28.73 13.90
CA THR A 59 -17.73 -27.81 13.48
C THR A 59 -17.13 -26.44 13.13
N ASN A 60 -16.27 -25.93 14.01
CA ASN A 60 -15.62 -24.63 13.78
C ASN A 60 -14.79 -24.58 12.52
N GLN A 61 -14.04 -25.65 12.29
CA GLN A 61 -13.19 -25.72 11.12
C GLN A 61 -14.02 -25.73 9.85
N HIS A 62 -15.12 -26.50 9.84
CA HIS A 62 -16.05 -26.48 8.71
C HIS A 62 -16.62 -25.08 8.48
N ALA A 63 -16.97 -24.39 9.55
CA ALA A 63 -17.58 -23.07 9.46
C ALA A 63 -16.58 -22.06 8.89
N GLN A 64 -15.32 -22.21 9.28
CA GLN A 64 -14.25 -21.33 8.80
C GLN A 64 -14.05 -21.54 7.29
N ALA A 65 -14.04 -22.81 6.88
CA ALA A 65 -13.89 -23.16 5.48
C ALA A 65 -15.02 -22.54 4.66
N SER A 66 -16.23 -22.53 5.23
CA SER A 66 -17.38 -21.97 4.53
C SER A 66 -17.28 -20.46 4.37
N SER A 67 -16.81 -19.79 5.41
CA SER A 67 -16.73 -18.32 5.41
C SER A 67 -15.57 -17.76 4.58
N PHE A 68 -14.44 -18.45 4.59
CA PHE A 68 -13.22 -17.88 4.04
C PHE A 68 -12.61 -18.68 2.91
N GLY A 69 -13.21 -19.82 2.62
CA GLY A 69 -12.78 -20.61 1.48
C GLY A 69 -11.87 -21.77 1.87
N TRP A 70 -11.64 -22.65 0.91
CA TRP A 70 -10.74 -23.77 1.10
C TRP A 70 -10.19 -24.22 -0.24
N ARG A 71 -9.15 -25.03 -0.21
CA ARG A 71 -8.68 -25.63 -1.44
C ARG A 71 -8.03 -27.00 -1.19
N MET A 72 -8.27 -27.91 -2.13
CA MET A 72 -7.76 -29.26 -2.00
C MET A 72 -6.88 -29.60 -3.21
N THR A 73 -5.68 -30.07 -2.95
CA THR A 73 -4.73 -30.35 -4.01
C THR A 73 -4.23 -31.78 -3.93
N THR A 74 -4.40 -32.54 -5.02
CA THR A 74 -3.96 -33.92 -5.04
C THR A 74 -2.96 -34.18 -6.15
N GLU A 75 -1.85 -34.83 -5.82
CA GLU A 75 -0.96 -35.35 -6.85
C GLU A 75 -1.10 -36.87 -6.89
N MET A 76 -1.69 -37.39 -7.95
CA MET A 76 -1.91 -38.82 -8.06
C MET A 76 -1.87 -39.27 -9.51
N LYS A 77 -1.76 -40.59 -9.70
CA LYS A 77 -1.95 -41.18 -11.02
C LYS A 77 -3.00 -42.28 -10.89
N VAL A 78 -3.92 -42.33 -11.85
CA VAL A 78 -4.94 -43.37 -11.85
C VAL A 78 -4.44 -44.56 -12.66
N LEU A 79 -4.49 -45.75 -12.07
CA LEU A 79 -4.02 -46.94 -12.75
C LEU A 79 -5.15 -47.70 -13.44
N SER A 80 -6.31 -47.76 -12.82
CA SER A 80 -7.40 -48.54 -13.39
C SER A 80 -8.75 -48.20 -12.74
N GLY A 81 -9.81 -48.46 -13.48
CA GLY A 81 -11.16 -48.37 -12.95
C GLY A 81 -11.61 -46.93 -12.74
N GLY A 82 -12.41 -46.74 -11.69
CA GLY A 82 -12.98 -45.44 -11.44
C GLY A 82 -13.36 -45.23 -9.99
N MET A 83 -14.32 -44.32 -9.78
CA MET A 83 -14.70 -43.86 -8.46
C MET A 83 -13.46 -43.47 -7.64
N ILE A 84 -12.52 -42.79 -8.29
CA ILE A 84 -11.42 -42.15 -7.59
C ILE A 84 -11.94 -40.81 -7.08
N THR A 85 -12.15 -40.78 -5.77
CA THR A 85 -12.93 -39.74 -5.13
C THR A 85 -12.11 -39.02 -4.08
N ASN A 86 -11.59 -37.85 -4.46
CA ASN A 86 -10.81 -36.99 -3.56
C ASN A 86 -11.63 -35.72 -3.33
N TYR A 87 -12.11 -35.53 -2.11
CA TYR A 87 -13.12 -34.51 -1.88
C TYR A 87 -13.24 -34.12 -0.42
N TYR A 88 -14.08 -33.12 -0.18
CA TYR A 88 -14.33 -32.60 1.17
C TYR A 88 -15.83 -32.51 1.41
N ALA A 89 -16.29 -33.03 2.54
CA ALA A 89 -17.69 -32.98 2.94
C ALA A 89 -17.79 -32.36 4.34
N ASN A 90 -18.73 -31.43 4.53
CA ASN A 90 -18.78 -30.66 5.78
C ASN A 90 -19.95 -30.97 6.71
N GLY A 91 -20.60 -32.11 6.50
CA GLY A 91 -21.74 -32.45 7.33
C GLY A 91 -23.09 -32.09 6.71
N THR A 92 -23.11 -31.12 5.79
CA THR A 92 -24.36 -30.79 5.11
C THR A 92 -24.19 -30.81 3.59
N GLN A 93 -23.01 -30.42 3.12
CA GLN A 93 -22.74 -30.40 1.68
C GLN A 93 -21.34 -30.89 1.32
N ARG A 94 -21.20 -31.34 0.07
CA ARG A 94 -19.90 -31.67 -0.51
C ARG A 94 -19.81 -31.24 -1.97
N VAL A 95 -18.59 -31.00 -2.43
CA VAL A 95 -18.30 -30.94 -3.86
C VAL A 95 -17.55 -32.21 -4.24
N LEU A 96 -18.14 -33.04 -5.08
CA LEU A 96 -17.57 -34.34 -5.37
C LEU A 96 -17.20 -34.51 -6.83
N PRO A 97 -15.90 -34.37 -7.14
CA PRO A 97 -15.42 -34.80 -8.46
C PRO A 97 -15.16 -36.30 -8.44
N ILE A 98 -15.54 -36.98 -9.51
CA ILE A 98 -15.34 -38.41 -9.65
C ILE A 98 -14.43 -38.63 -10.84
N ILE A 99 -13.24 -39.16 -10.59
CA ILE A 99 -12.23 -39.35 -11.62
C ILE A 99 -12.16 -40.84 -11.99
N SER A 100 -12.00 -41.14 -13.27
CA SER A 100 -11.96 -42.52 -13.72
C SER A 100 -11.23 -42.64 -15.04
N LEU A 101 -10.88 -43.87 -15.40
CA LEU A 101 -10.50 -44.20 -16.75
C LEU A 101 -11.71 -44.76 -17.47
N ASP A 102 -12.07 -44.21 -18.63
CA ASP A 102 -13.28 -44.68 -19.30
C ASP A 102 -12.98 -45.86 -20.21
N SER A 103 -13.97 -46.29 -20.99
CA SER A 103 -13.86 -47.50 -21.80
C SER A 103 -12.93 -47.31 -23.00
N SER A 104 -12.47 -46.08 -23.21
CA SER A 104 -11.46 -45.80 -24.23
C SER A 104 -10.06 -45.66 -23.62
N GLY A 105 -9.97 -45.80 -22.30
CA GLY A 105 -8.69 -45.75 -21.61
C GLY A 105 -8.26 -44.33 -21.31
N ASN A 106 -9.17 -43.39 -21.49
CA ASN A 106 -8.88 -41.98 -21.22
C ASN A 106 -9.29 -41.55 -19.82
N LEU A 107 -8.56 -40.58 -19.29
CA LEU A 107 -8.78 -40.06 -17.95
C LEU A 107 -9.88 -39.00 -18.00
N VAL A 108 -10.91 -39.18 -17.17
CA VAL A 108 -12.07 -38.31 -17.25
C VAL A 108 -12.54 -37.88 -15.87
N VAL A 109 -13.31 -36.80 -15.83
CA VAL A 109 -13.89 -36.35 -14.57
C VAL A 109 -15.39 -36.05 -14.70
N GLU A 110 -16.13 -36.43 -13.66
CA GLU A 110 -17.54 -36.09 -13.50
C GLU A 110 -17.71 -35.34 -12.19
N PHE A 111 -18.81 -34.60 -12.07
CA PHE A 111 -19.11 -33.90 -10.82
C PHE A 111 -20.53 -34.20 -10.38
N GLU A 112 -20.67 -34.59 -9.12
CA GLU A 112 -22.00 -34.85 -8.58
C GLU A 112 -22.85 -33.59 -8.68
N GLY A 113 -24.08 -33.75 -9.15
CA GLY A 113 -24.96 -32.62 -9.35
C GLY A 113 -24.85 -32.07 -10.77
N GLN A 114 -24.02 -32.73 -11.58
CA GLN A 114 -23.84 -32.38 -12.99
C GLN A 114 -23.86 -33.63 -13.84
N THR A 115 -24.43 -33.53 -15.04
CA THR A 115 -24.33 -34.62 -16.01
C THR A 115 -23.17 -34.34 -16.96
N GLY A 116 -22.49 -35.39 -17.40
CA GLY A 116 -21.39 -35.23 -18.34
C GLY A 116 -20.02 -35.56 -17.78
N ARG A 117 -19.17 -36.10 -18.64
CA ARG A 117 -17.78 -36.37 -18.31
C ARG A 117 -16.89 -35.40 -19.08
N THR A 118 -15.74 -35.02 -18.53
CA THR A 118 -14.79 -34.27 -19.34
C THR A 118 -13.51 -35.07 -19.47
N VAL A 119 -13.02 -35.22 -20.69
CA VAL A 119 -11.74 -35.89 -20.90
C VAL A 119 -10.59 -34.98 -20.45
N LEU A 120 -9.77 -35.48 -19.52
CA LEU A 120 -8.63 -34.71 -18.98
C LEU A 120 -7.32 -35.03 -19.72
N ALA A 121 -7.13 -36.31 -20.03
CA ALA A 121 -5.93 -36.75 -20.75
C ALA A 121 -6.17 -38.06 -21.50
N THR A 122 -5.47 -38.22 -22.61
CA THR A 122 -5.57 -39.42 -23.43
C THR A 122 -4.23 -40.13 -23.52
N GLY A 123 -4.26 -41.36 -24.01
CA GLY A 123 -3.05 -42.10 -24.30
C GLY A 123 -2.23 -42.38 -23.07
N THR A 124 -0.91 -42.30 -23.21
CA THR A 124 -0.02 -42.60 -22.10
C THR A 124 -0.22 -41.64 -20.93
N ALA A 125 -0.62 -40.40 -21.21
CA ALA A 125 -0.79 -39.40 -20.18
C ALA A 125 -1.94 -39.73 -19.23
N ALA A 126 -2.90 -40.50 -19.72
CA ALA A 126 -4.07 -40.84 -18.92
C ALA A 126 -3.71 -41.56 -17.61
N THR A 127 -2.61 -42.30 -17.62
CA THR A 127 -2.24 -43.09 -16.45
C THR A 127 -0.93 -42.61 -15.81
N GLU A 128 -0.62 -41.34 -16.01
CA GLU A 128 0.57 -40.74 -15.40
C GLU A 128 0.15 -39.82 -14.26
N TYR A 129 1.14 -39.31 -13.52
CA TYR A 129 0.85 -38.39 -12.41
C TYR A 129 0.35 -37.05 -12.91
N HIS A 130 -0.64 -36.51 -12.22
CA HIS A 130 -1.18 -35.19 -12.50
C HIS A 130 -1.52 -34.48 -11.19
N LYS A 131 -1.62 -33.16 -11.27
CA LYS A 131 -2.05 -32.33 -10.15
C LYS A 131 -3.52 -31.95 -10.32
N PHE A 132 -4.35 -32.30 -9.35
CA PHE A 132 -5.77 -32.04 -9.40
C PHE A 132 -6.12 -31.05 -8.31
N GLU A 133 -6.79 -29.96 -8.66
CA GLU A 133 -7.09 -28.95 -7.65
C GLU A 133 -8.54 -28.52 -7.63
N LEU A 134 -9.08 -28.41 -6.42
CA LEU A 134 -10.43 -27.93 -6.19
C LEU A 134 -10.34 -26.66 -5.35
N VAL A 135 -10.90 -25.55 -5.85
CA VAL A 135 -10.83 -24.29 -5.12
C VAL A 135 -12.24 -23.79 -4.83
N PHE A 136 -12.52 -23.53 -3.56
CA PHE A 136 -13.85 -23.09 -3.14
C PHE A 136 -13.84 -21.64 -2.69
N LEU A 137 -14.67 -20.83 -3.34
CA LEU A 137 -14.79 -19.42 -2.99
C LEU A 137 -16.10 -19.18 -2.27
N PRO A 138 -16.06 -18.47 -1.13
CA PRO A 138 -17.27 -18.26 -0.33
C PRO A 138 -18.20 -17.20 -0.93
N GLY A 139 -19.40 -17.10 -0.38
CA GLY A 139 -20.39 -16.14 -0.82
C GLY A 139 -21.79 -16.63 -0.52
N SER A 140 -22.80 -15.83 -0.87
CA SER A 140 -24.19 -16.23 -0.68
C SER A 140 -24.53 -17.39 -1.61
N ASN A 141 -23.95 -17.35 -2.80
CA ASN A 141 -24.01 -18.47 -3.73
C ASN A 141 -22.60 -18.97 -4.04
N PRO A 142 -22.02 -19.75 -3.12
CA PRO A 142 -20.63 -20.14 -3.23
C PRO A 142 -20.44 -21.29 -4.20
N SER A 143 -19.26 -21.40 -4.79
CA SER A 143 -19.00 -22.49 -5.73
C SER A 143 -17.53 -22.86 -5.74
N ALA A 144 -17.26 -23.99 -6.38
CA ALA A 144 -15.92 -24.50 -6.50
C ALA A 144 -15.49 -24.52 -7.96
N SER A 145 -14.20 -24.51 -8.20
CA SER A 145 -13.69 -24.71 -9.55
C SER A 145 -12.62 -25.79 -9.53
N PHE A 146 -12.52 -26.55 -10.62
CA PHE A 146 -11.64 -27.71 -10.69
C PHE A 146 -10.57 -27.50 -11.75
N TYR A 147 -9.32 -27.78 -11.38
CA TYR A 147 -8.19 -27.56 -12.26
C TYR A 147 -7.36 -28.82 -12.42
N PHE A 148 -6.85 -28.99 -13.63
CA PHE A 148 -6.04 -30.15 -14.00
C PHE A 148 -4.70 -29.66 -14.53
N ASP A 149 -3.62 -29.99 -13.81
CA ASP A 149 -2.29 -29.50 -14.12
C ASP A 149 -2.29 -27.99 -14.38
N GLY A 150 -3.07 -27.26 -13.59
CA GLY A 150 -3.07 -25.80 -13.62
C GLY A 150 -4.11 -25.19 -14.54
N LYS A 151 -4.88 -26.03 -15.23
CA LYS A 151 -5.87 -25.52 -16.18
C LYS A 151 -7.30 -25.69 -15.70
N LEU A 152 -8.08 -24.62 -15.78
CA LEU A 152 -9.49 -24.66 -15.39
C LEU A 152 -10.30 -25.64 -16.26
N ILE A 153 -10.89 -26.64 -15.62
CA ILE A 153 -11.71 -27.65 -16.31
C ILE A 153 -13.18 -27.31 -16.16
N ARG A 154 -13.61 -27.06 -14.92
CA ARG A 154 -15.01 -26.77 -14.65
C ARG A 154 -15.11 -25.69 -13.60
N ASP A 155 -15.93 -24.68 -13.87
CA ASP A 155 -16.14 -23.59 -12.95
C ASP A 155 -17.55 -23.64 -12.35
N ASN A 156 -17.78 -22.87 -11.29
CA ASN A 156 -19.12 -22.70 -10.71
C ASN A 156 -19.77 -24.02 -10.32
N ILE A 157 -19.01 -24.90 -9.68
CA ILE A 157 -19.55 -26.19 -9.27
C ILE A 157 -20.34 -26.03 -7.97
N GLN A 158 -21.64 -26.30 -8.05
CA GLN A 158 -22.54 -26.17 -6.91
C GLN A 158 -22.34 -27.31 -5.93
N PRO A 159 -22.18 -26.98 -4.63
CA PRO A 159 -22.10 -28.03 -3.62
C PRO A 159 -23.39 -28.83 -3.63
N THR A 160 -23.32 -30.10 -3.24
CA THR A 160 -24.50 -30.94 -3.22
C THR A 160 -24.68 -31.55 -1.84
N ALA A 161 -25.90 -31.99 -1.54
CA ALA A 161 -26.23 -32.45 -0.21
C ALA A 161 -25.48 -33.71 0.19
N SER A 162 -24.89 -33.71 1.38
CA SER A 162 -24.24 -34.89 1.92
C SER A 162 -24.14 -34.80 3.43
N LYS A 163 -24.40 -35.91 4.11
CA LYS A 163 -24.27 -35.98 5.56
C LYS A 163 -22.84 -36.32 5.96
N GLN A 164 -22.02 -36.67 4.98
CA GLN A 164 -20.64 -37.02 5.26
C GLN A 164 -19.88 -35.83 5.82
N ASN A 165 -18.89 -36.12 6.65
CA ASN A 165 -18.13 -35.10 7.35
C ASN A 165 -16.69 -35.55 7.45
N MET A 166 -15.88 -35.15 6.46
CA MET A 166 -14.46 -35.50 6.39
C MET A 166 -13.78 -35.02 5.14
N ILE A 167 -12.46 -34.94 5.21
CA ILE A 167 -11.61 -34.86 4.04
C ILE A 167 -11.35 -36.30 3.58
N VAL A 168 -11.55 -36.60 2.30
CA VAL A 168 -11.44 -37.98 1.82
C VAL A 168 -10.57 -38.12 0.58
N TRP A 169 -9.75 -39.16 0.53
CA TRP A 169 -9.10 -39.51 -0.72
C TRP A 169 -8.96 -41.02 -0.90
N GLY A 170 -9.00 -41.46 -2.15
CA GLY A 170 -8.85 -42.84 -2.52
C GLY A 170 -9.96 -43.28 -3.44
N ASN A 171 -10.33 -44.56 -3.33
CA ASN A 171 -11.42 -45.14 -4.08
C ASN A 171 -12.64 -45.32 -3.17
N GLY A 172 -13.60 -44.40 -3.29
CA GLY A 172 -14.73 -44.40 -2.38
C GLY A 172 -15.93 -45.24 -2.83
N SER A 173 -15.67 -46.47 -3.25
CA SER A 173 -16.75 -47.33 -3.68
C SER A 173 -16.46 -48.79 -3.39
N SER A 174 -17.44 -49.50 -2.82
CA SER A 174 -17.30 -50.93 -2.62
C SER A 174 -17.50 -51.66 -3.93
N ASN A 175 -18.45 -51.17 -4.72
CA ASN A 175 -18.87 -51.83 -5.95
C ASN A 175 -17.96 -51.55 -7.13
N THR A 176 -17.48 -50.33 -7.23
CA THR A 176 -16.66 -49.94 -8.37
C THR A 176 -15.18 -50.07 -8.02
N ASP A 177 -14.49 -50.96 -8.73
CA ASP A 177 -13.06 -51.11 -8.54
C ASP A 177 -12.33 -49.87 -9.02
N GLY A 178 -11.30 -49.48 -8.28
CA GLY A 178 -10.48 -48.35 -8.65
C GLY A 178 -9.10 -48.47 -8.01
N VAL A 179 -8.06 -48.19 -8.80
CA VAL A 179 -6.69 -48.24 -8.30
C VAL A 179 -5.98 -46.93 -8.64
N ALA A 180 -5.37 -46.29 -7.64
CA ALA A 180 -4.65 -45.05 -7.88
C ALA A 180 -3.50 -44.90 -6.88
N ALA A 181 -2.44 -44.23 -7.31
CA ALA A 181 -1.27 -44.00 -6.48
C ALA A 181 -1.16 -42.51 -6.14
N TYR A 182 -0.92 -42.23 -4.86
CA TYR A 182 -0.91 -40.85 -4.36
C TYR A 182 0.45 -40.44 -3.84
N ARG A 183 0.96 -39.31 -4.33
CA ARG A 183 2.18 -38.70 -3.80
C ARG A 183 1.91 -37.68 -2.71
N ASP A 184 0.77 -37.01 -2.82
CA ASP A 184 0.49 -35.87 -1.94
C ASP A 184 -0.99 -35.50 -1.98
N ILE A 185 -1.54 -35.18 -0.81
CA ILE A 185 -2.87 -34.61 -0.71
C ILE A 185 -2.77 -33.43 0.26
N LYS A 186 -3.28 -32.27 -0.15
CA LYS A 186 -3.32 -31.08 0.70
C LYS A 186 -4.73 -30.53 0.76
N PHE A 187 -5.23 -30.31 1.97
CA PHE A 187 -6.47 -29.58 2.18
C PHE A 187 -6.15 -28.37 3.03
N GLU A 188 -6.42 -27.18 2.51
CA GLU A 188 -6.16 -25.95 3.25
C GLU A 188 -7.45 -25.23 3.58
N ILE A 189 -7.66 -24.93 4.86
CA ILE A 189 -8.74 -24.06 5.30
C ILE A 189 -8.21 -22.61 5.33
N GLN A 190 -8.81 -21.73 4.56
CA GLN A 190 -8.39 -20.31 4.56
C GLN A 190 -8.85 -19.53 5.80
N GLY A 191 -8.19 -18.41 6.08
CA GLY A 191 -8.74 -17.48 7.05
C GLY A 191 -8.35 -17.62 8.49
N ASP A 192 -7.22 -18.29 8.78
CA ASP A 192 -6.76 -18.40 10.16
C ASP A 192 -6.50 -17.00 10.72
N VAL A 193 -6.85 -16.77 11.98
CA VAL A 193 -6.57 -15.47 12.61
C VAL A 193 -5.09 -15.32 12.97
N ILE A 194 -4.47 -14.22 12.52
CA ILE A 194 -3.07 -13.93 12.82
C ILE A 194 -2.91 -12.81 13.87
N PHE A 195 -3.83 -11.84 13.86
CA PHE A 195 -3.87 -10.76 14.86
C PHE A 195 -5.31 -10.62 15.34
N ARG A 196 -5.54 -10.51 16.65
CA ARG A 196 -6.92 -10.48 17.13
C ARG A 196 -7.44 -9.07 17.28
N GLY A 197 -8.72 -8.90 16.94
CA GLY A 197 -9.39 -7.63 17.23
C GLY A 197 -9.37 -7.47 18.74
N PRO A 198 -9.37 -6.23 19.25
CA PRO A 198 -9.56 -4.97 18.53
C PRO A 198 -8.26 -4.36 17.99
N ASP A 199 -7.19 -5.14 17.88
CA ASP A 199 -6.04 -4.69 17.13
C ASP A 199 -6.52 -4.47 15.68
N ARG A 200 -5.81 -3.64 14.92
CA ARG A 200 -6.28 -3.26 13.58
C ARG A 200 -5.15 -2.83 12.64
N ILE A 201 -5.54 -2.61 11.37
CA ILE A 201 -4.73 -1.92 10.34
C ILE A 201 -3.57 -2.80 9.83
N PRO A 202 -3.91 -3.87 9.09
CA PRO A 202 -2.91 -4.86 8.69
C PRO A 202 -2.11 -4.52 7.45
N SER A 203 -0.90 -5.04 7.40
CA SER A 203 -0.07 -4.93 6.20
C SER A 203 0.80 -6.18 6.13
N ILE A 204 1.34 -6.46 4.96
CA ILE A 204 2.09 -7.71 4.77
C ILE A 204 3.04 -7.61 3.57
N VAL A 205 4.22 -8.22 3.71
CA VAL A 205 5.15 -8.41 2.60
C VAL A 205 5.78 -9.80 2.68
N ALA A 206 6.35 -10.26 1.56
CA ALA A 206 7.01 -11.57 1.50
C ALA A 206 8.40 -11.42 0.89
N SER A 207 9.30 -12.31 1.27
CA SER A 207 10.65 -12.27 0.73
C SER A 207 10.78 -13.12 -0.53
N SER A 208 11.34 -12.54 -1.59
CA SER A 208 11.58 -13.25 -2.83
C SER A 208 12.92 -13.98 -2.81
N VAL A 209 13.85 -13.47 -2.01
CA VAL A 209 15.17 -14.08 -1.89
C VAL A 209 15.12 -15.34 -1.03
N THR A 210 14.33 -15.29 0.04
CA THR A 210 14.13 -16.43 0.92
C THR A 210 12.67 -16.86 0.85
N PRO A 211 12.31 -17.64 -0.19
CA PRO A 211 10.93 -18.10 -0.38
C PRO A 211 10.34 -18.70 0.89
N GLY A 212 9.11 -18.33 1.22
CA GLY A 212 8.45 -18.87 2.39
C GLY A 212 8.42 -17.89 3.55
N VAL A 213 9.32 -16.92 3.55
CA VAL A 213 9.36 -15.93 4.62
C VAL A 213 8.38 -14.79 4.37
N VAL A 214 7.45 -14.63 5.32
CA VAL A 214 6.39 -13.65 5.23
C VAL A 214 6.34 -12.86 6.52
N THR A 215 6.24 -11.54 6.44
CA THR A 215 6.18 -10.71 7.64
C THR A 215 4.95 -9.81 7.61
N ALA A 216 4.11 -9.91 8.65
CA ALA A 216 2.88 -9.11 8.71
C ALA A 216 2.90 -8.15 9.89
N PHE A 217 2.10 -7.09 9.80
CA PHE A 217 2.06 -6.05 10.83
C PHE A 217 0.64 -5.62 11.16
N ALA A 218 0.47 -5.06 12.35
CA ALA A 218 -0.81 -4.46 12.74
C ALA A 218 -0.56 -3.49 13.87
N GLU A 219 -1.59 -2.77 14.28
CA GLU A 219 -1.47 -1.93 15.49
C GLU A 219 -2.00 -2.70 16.68
N LYS A 220 -1.17 -2.87 17.70
CA LYS A 220 -1.69 -3.37 18.96
C LYS A 220 -2.41 -2.23 19.66
N ARG A 221 -3.69 -2.39 19.89
CA ARG A 221 -4.47 -1.31 20.46
C ARG A 221 -4.99 -1.65 21.86
N VAL A 222 -4.30 -1.17 22.88
CA VAL A 222 -4.78 -1.41 24.22
C VAL A 222 -5.86 -0.39 24.54
N GLY A 223 -7.09 -0.87 24.73
CA GLY A 223 -8.24 -0.01 24.89
C GLY A 223 -9.07 0.01 23.62
N GLY A 224 -8.50 -0.55 22.56
CA GLY A 224 -9.21 -0.74 21.30
C GLY A 224 -9.60 0.50 20.52
N GLY A 225 -8.78 1.54 20.55
CA GLY A 225 -9.10 2.76 19.82
C GLY A 225 -8.05 3.25 18.84
N ASP A 226 -8.42 4.23 18.01
CA ASP A 226 -7.48 4.92 17.13
C ASP A 226 -6.41 5.65 17.97
N PRO A 227 -5.23 5.91 17.37
CA PRO A 227 -4.22 6.66 18.09
C PRO A 227 -4.74 8.02 18.56
N GLY A 228 -4.23 8.50 19.69
CA GLY A 228 -4.56 9.85 20.15
C GLY A 228 -5.43 9.89 21.39
N ALA A 229 -5.77 8.73 21.93
CA ALA A 229 -6.64 8.70 23.09
C ALA A 229 -5.83 8.54 24.38
N LEU A 230 -5.85 9.59 25.21
CA LEU A 230 -5.17 9.61 26.50
C LEU A 230 -5.37 8.31 27.30
N SER A 231 -4.36 7.94 28.09
CA SER A 231 -4.38 6.78 28.97
C SER A 231 -4.65 5.45 28.24
N ASN A 232 -4.45 5.47 26.92
CA ASN A 232 -4.44 4.25 26.10
C ASN A 232 -3.16 4.22 25.31
N THR A 233 -2.60 3.04 25.07
CA THR A 233 -1.30 2.98 24.42
C THR A 233 -1.33 2.01 23.26
N ASN A 234 -1.18 2.52 22.03
CA ASN A 234 -1.08 1.65 20.86
C ASN A 234 0.37 1.48 20.42
N ASP A 235 0.71 0.27 20.03
CA ASP A 235 2.05 -0.07 19.52
C ASP A 235 1.94 -0.77 18.18
N ILE A 236 3.06 -0.89 17.48
CA ILE A 236 3.11 -1.75 16.28
C ILE A 236 3.51 -3.17 16.64
N ILE A 237 2.75 -4.16 16.16
CA ILE A 237 3.11 -5.56 16.39
C ILE A 237 3.39 -6.27 15.06
N THR A 238 4.20 -7.33 15.13
CA THR A 238 4.56 -8.09 13.94
C THR A 238 4.64 -9.59 14.20
N ARG A 239 4.38 -10.38 13.16
CA ARG A 239 4.62 -11.82 13.21
C ARG A 239 5.27 -12.24 11.89
N THR A 240 6.13 -13.25 11.97
CA THR A 240 6.81 -13.79 10.80
C THR A 240 6.48 -15.26 10.57
N SER A 241 6.24 -15.59 9.29
CA SER A 241 6.06 -16.99 8.87
C SER A 241 7.28 -17.43 8.07
N ARG A 242 7.67 -18.69 8.19
CA ARG A 242 8.77 -19.17 7.35
C ARG A 242 8.35 -20.35 6.49
N ASP A 243 7.05 -20.63 6.48
CA ASP A 243 6.53 -21.71 5.65
C ASP A 243 5.43 -21.23 4.69
N GLY A 244 5.57 -20.00 4.21
CA GLY A 244 4.65 -19.44 3.24
C GLY A 244 3.36 -18.89 3.80
N GLY A 245 3.34 -18.54 5.09
CA GLY A 245 2.15 -17.97 5.69
C GLY A 245 1.19 -18.97 6.31
N ILE A 246 1.68 -20.17 6.58
CA ILE A 246 0.85 -21.20 7.23
C ILE A 246 0.96 -21.11 8.75
N THR A 247 2.19 -21.09 9.27
CA THR A 247 2.40 -20.95 10.70
C THR A 247 3.15 -19.66 10.98
N TRP A 248 2.97 -19.12 12.17
CA TRP A 248 3.48 -17.78 12.48
C TRP A 248 4.15 -17.78 13.85
N ASP A 249 5.24 -17.02 14.00
CA ASP A 249 5.96 -17.03 15.27
C ASP A 249 5.32 -16.06 16.26
N THR A 250 5.98 -15.84 17.39
CA THR A 250 5.39 -15.07 18.46
C THR A 250 5.23 -13.59 18.10
N GLU A 251 4.03 -13.08 18.34
CA GLU A 251 3.73 -11.67 18.20
C GLU A 251 4.79 -10.85 18.94
N LEU A 252 5.43 -9.94 18.20
CA LEU A 252 6.47 -9.10 18.75
C LEU A 252 6.05 -7.64 18.72
N ASN A 253 6.14 -6.99 19.88
CA ASN A 253 5.86 -5.56 20.02
C ASN A 253 7.11 -4.75 19.66
N LEU A 254 7.08 -4.09 18.50
CA LEU A 254 8.22 -3.38 17.97
C LEU A 254 8.51 -2.04 18.67
N THR A 255 7.49 -1.42 19.24
CA THR A 255 7.63 0.00 19.65
C THR A 255 7.58 0.22 21.16
N GLU A 256 7.22 -0.80 21.93
CA GLU A 256 7.11 -0.58 23.36
C GLU A 256 8.47 -0.17 23.95
N GLN A 257 9.56 -0.58 23.30
CA GLN A 257 10.91 -0.23 23.74
C GLN A 257 11.21 1.26 23.57
N ILE A 258 10.45 1.95 22.72
CA ILE A 258 10.56 3.40 22.59
C ILE A 258 9.27 4.07 23.07
N ASN A 259 8.60 3.39 24.00
CA ASN A 259 7.35 3.86 24.59
C ASN A 259 7.36 3.62 26.09
N VAL A 260 8.54 3.76 26.70
CA VAL A 260 8.75 3.28 28.07
C VAL A 260 8.02 4.14 29.09
N SER A 261 7.61 5.34 28.71
CA SER A 261 6.86 6.14 29.67
C SER A 261 5.42 6.38 29.18
N ASP A 262 4.93 5.46 28.35
CA ASP A 262 3.54 5.47 27.90
C ASP A 262 3.09 6.82 27.32
N GLU A 263 3.98 7.52 26.63
CA GLU A 263 3.61 8.83 26.13
C GLU A 263 3.14 8.83 24.69
N PHE A 264 3.24 7.68 24.00
CA PHE A 264 2.96 7.67 22.56
C PHE A 264 1.93 6.64 22.11
N ASP A 265 1.28 6.93 20.97
CA ASP A 265 0.60 5.91 20.19
C ASP A 265 1.39 5.73 18.91
N PHE A 266 1.52 4.50 18.42
CA PHE A 266 2.11 4.28 17.11
C PHE A 266 1.04 3.73 16.18
N SER A 267 1.12 4.05 14.89
CA SER A 267 0.09 3.63 13.95
C SER A 267 0.62 3.37 12.55
N ASP A 268 -0.24 2.75 11.74
CA ASP A 268 -0.04 2.69 10.28
C ASP A 268 1.29 2.08 9.85
N PRO A 269 1.50 0.79 10.15
CA PRO A 269 2.76 0.14 9.80
C PRO A 269 2.83 -0.10 8.30
N ARG A 270 3.89 0.43 7.68
CA ARG A 270 4.05 0.43 6.23
C ARG A 270 5.36 -0.27 5.87
N PRO A 271 5.31 -1.60 5.65
CA PRO A 271 6.55 -2.33 5.36
C PRO A 271 6.96 -2.29 3.90
N ILE A 272 8.26 -2.39 3.66
CA ILE A 272 8.79 -2.52 2.31
C ILE A 272 9.79 -3.66 2.28
N TYR A 273 9.63 -4.60 1.35
CA TYR A 273 10.63 -5.64 1.19
C TYR A 273 11.68 -5.19 0.19
N ASP A 274 12.94 -5.27 0.59
CA ASP A 274 14.07 -4.91 -0.26
C ASP A 274 14.88 -6.15 -0.64
N PRO A 275 14.77 -6.59 -1.91
CA PRO A 275 15.47 -7.83 -2.28
C PRO A 275 17.00 -7.68 -2.33
N SER A 276 17.50 -6.46 -2.51
CA SER A 276 18.95 -6.27 -2.61
C SER A 276 19.64 -6.64 -1.29
N SER A 277 19.02 -6.26 -0.17
CA SER A 277 19.56 -6.58 1.15
C SER A 277 18.81 -7.74 1.78
N ASN A 278 17.72 -8.16 1.16
CA ASN A 278 16.83 -9.17 1.72
C ASN A 278 16.39 -8.77 3.14
N THR A 279 15.79 -7.59 3.22
CA THR A 279 15.29 -7.09 4.50
C THR A 279 13.88 -6.56 4.34
N VAL A 280 13.18 -6.47 5.46
CA VAL A 280 11.93 -5.73 5.53
C VAL A 280 12.16 -4.49 6.37
N LEU A 281 11.92 -3.33 5.75
CA LEU A 281 11.98 -2.06 6.44
C LEU A 281 10.56 -1.54 6.63
N VAL A 282 10.11 -1.46 7.88
CA VAL A 282 8.75 -1.04 8.15
C VAL A 282 8.75 0.35 8.80
N SER A 283 8.01 1.26 8.21
CA SER A 283 7.89 2.62 8.70
C SER A 283 6.55 2.78 9.42
N TYR A 284 6.48 3.60 10.46
CA TYR A 284 5.20 3.79 11.13
C TYR A 284 5.13 5.18 11.76
N ALA A 285 3.92 5.66 12.03
CA ALA A 285 3.74 6.98 12.68
C ALA A 285 3.88 6.90 14.18
N ARG A 286 4.45 7.95 14.76
CA ARG A 286 4.38 8.18 16.18
C ARG A 286 3.39 9.33 16.43
N TRP A 287 2.61 9.21 17.50
CA TRP A 287 1.72 10.26 17.97
C TRP A 287 1.90 10.44 19.45
N PRO A 288 1.77 11.70 19.94
CA PRO A 288 1.52 11.79 21.38
C PRO A 288 0.26 11.03 21.71
N THR A 289 0.24 10.43 22.89
CA THR A 289 -0.82 9.53 23.23
C THR A 289 -2.17 10.22 23.25
N ASP A 290 -2.18 11.55 23.37
CA ASP A 290 -3.43 12.30 23.55
C ASP A 290 -3.80 13.24 22.39
N ALA A 291 -3.12 13.10 21.25
CA ALA A 291 -3.47 13.88 20.07
C ALA A 291 -2.95 13.20 18.81
N ALA A 292 -3.81 13.03 17.82
CA ALA A 292 -3.38 12.43 16.57
C ALA A 292 -4.11 13.03 15.37
N GLN A 293 -4.20 12.26 14.30
CA GLN A 293 -4.64 12.79 13.02
C GLN A 293 -6.12 13.12 13.02
N ASN A 294 -6.93 12.22 13.59
CA ASN A 294 -8.37 12.44 13.66
C ASN A 294 -8.72 13.71 14.41
N GLY A 295 -9.67 14.47 13.86
CA GLY A 295 -10.08 15.73 14.45
C GLY A 295 -9.02 16.82 14.37
N ASP A 296 -7.95 16.56 13.61
CA ASP A 296 -6.82 17.50 13.48
C ASP A 296 -6.29 17.96 14.83
N ARG A 297 -6.28 17.07 15.79
CA ARG A 297 -5.86 17.45 17.13
C ARG A 297 -4.34 17.57 17.24
N ILE A 298 -3.64 16.87 16.37
CA ILE A 298 -2.18 16.93 16.31
C ILE A 298 -1.72 18.30 15.81
N LYS A 299 -0.68 18.82 16.47
CA LYS A 299 -0.12 20.14 16.17
C LYS A 299 1.39 20.02 16.00
N PRO A 300 2.01 20.95 15.25
CA PRO A 300 3.42 20.76 14.92
C PRO A 300 4.37 20.81 16.11
N TRP A 301 3.94 21.32 17.26
CA TRP A 301 4.81 21.32 18.44
C TRP A 301 4.73 20.01 19.22
N MET A 302 3.88 19.09 18.74
CA MET A 302 3.69 17.81 19.41
C MET A 302 4.54 16.72 18.73
N PRO A 303 4.83 15.62 19.45
CA PRO A 303 5.84 14.71 18.93
C PRO A 303 5.33 13.67 17.92
N ASN A 304 4.49 14.07 16.97
CA ASN A 304 4.25 13.21 15.82
C ASN A 304 5.54 13.10 15.02
N GLY A 305 5.76 11.94 14.41
CA GLY A 305 6.94 11.72 13.61
C GLY A 305 6.83 10.37 12.92
N ILE A 306 7.91 9.96 12.26
CA ILE A 306 7.93 8.66 11.60
C ILE A 306 9.21 7.94 12.00
N PHE A 307 9.07 6.66 12.32
CA PHE A 307 10.18 5.81 12.72
C PHE A 307 10.19 4.60 11.80
N TYR A 308 11.32 3.89 11.72
CA TYR A 308 11.33 2.61 11.03
C TYR A 308 12.15 1.56 11.78
N SER A 309 11.75 0.30 11.59
CA SER A 309 12.47 -0.85 12.11
C SER A 309 12.86 -1.73 10.95
N VAL A 310 13.99 -2.42 11.06
CA VAL A 310 14.46 -3.29 9.99
C VAL A 310 14.51 -4.76 10.43
N TYR A 311 13.89 -5.62 9.63
CA TYR A 311 13.96 -7.06 9.85
C TYR A 311 14.96 -7.69 8.90
N ASP A 312 16.00 -8.32 9.45
CA ASP A 312 16.96 -9.05 8.63
C ASP A 312 16.45 -10.47 8.39
N VAL A 313 16.08 -10.76 7.15
CA VAL A 313 15.45 -12.04 6.84
C VAL A 313 16.38 -13.23 7.10
N ALA A 314 17.64 -13.12 6.68
CA ALA A 314 18.59 -14.21 6.84
C ALA A 314 18.77 -14.65 8.29
N SER A 315 18.92 -13.69 9.20
CA SER A 315 19.19 -14.00 10.61
C SER A 315 17.93 -14.05 11.45
N GLY A 316 16.84 -13.50 10.94
CA GLY A 316 15.60 -13.41 11.67
C GLY A 316 15.63 -12.39 12.80
N ASN A 317 16.52 -11.40 12.70
CA ASN A 317 16.69 -10.41 13.77
C ASN A 317 16.09 -9.05 13.43
N TRP A 318 15.49 -8.42 14.45
CA TRP A 318 14.92 -7.09 14.33
C TRP A 318 15.88 -6.04 14.84
N GLN A 319 16.02 -4.99 14.06
CA GLN A 319 16.87 -3.85 14.38
C GLN A 319 16.03 -2.80 15.11
N ALA A 320 16.62 -2.15 16.11
CA ALA A 320 15.90 -1.18 16.95
C ALA A 320 15.38 0.01 16.12
N PRO A 321 14.26 0.62 16.56
CA PRO A 321 13.64 1.71 15.79
C PRO A 321 14.57 2.89 15.53
N ILE A 322 14.41 3.51 14.37
CA ILE A 322 15.18 4.69 13.98
C ILE A 322 14.24 5.82 13.58
N ASP A 323 14.47 6.99 14.16
CA ASP A 323 13.68 8.19 13.92
C ASP A 323 14.13 8.88 12.61
N VAL A 324 13.19 9.17 11.72
CA VAL A 324 13.52 9.93 10.51
C VAL A 324 12.67 11.20 10.38
N THR A 325 12.06 11.60 11.48
CA THR A 325 11.11 12.73 11.49
C THR A 325 11.68 14.01 10.87
N ASP A 326 12.92 14.35 11.21
CA ASP A 326 13.47 15.62 10.72
C ASP A 326 13.65 15.63 9.22
N GLN A 327 13.75 14.44 8.62
CA GLN A 327 13.91 14.33 7.17
C GLN A 327 12.57 14.40 6.43
N VAL A 328 11.48 14.04 7.10
CA VAL A 328 10.23 13.85 6.36
C VAL A 328 9.08 14.71 6.87
N LYS A 329 9.25 15.36 8.04
CA LYS A 329 8.22 16.21 8.61
C LYS A 329 8.65 17.67 8.47
N GLU A 330 8.13 18.33 7.44
CA GLU A 330 8.53 19.71 7.14
C GLU A 330 8.05 20.65 8.24
N ARG A 331 8.90 21.63 8.56
CA ARG A 331 8.55 22.74 9.42
C ARG A 331 8.72 24.04 8.66
N SER A 332 7.63 24.75 8.42
CA SER A 332 7.70 25.97 7.60
C SER A 332 6.47 26.82 7.78
N PHE A 333 6.56 28.08 7.37
CA PHE A 333 5.38 28.91 7.23
C PHE A 333 4.90 28.79 5.79
N GLN A 334 3.65 28.36 5.63
CA GLN A 334 3.12 28.03 4.31
C GLN A 334 2.10 29.07 3.87
N ILE A 335 2.29 29.62 2.67
CA ILE A 335 1.32 30.54 2.09
C ILE A 335 0.74 29.99 0.80
N ALA A 336 -0.55 29.71 0.82
CA ALA A 336 -1.23 29.23 -0.37
C ALA A 336 -2.02 30.37 -0.97
N GLY A 337 -1.42 31.05 -1.95
CA GLY A 337 -2.07 32.15 -2.64
C GLY A 337 -2.97 31.61 -3.72
N TRP A 338 -3.94 30.78 -3.31
CA TRP A 338 -4.88 30.12 -4.20
C TRP A 338 -6.17 30.93 -4.24
N GLY A 339 -6.40 31.65 -5.34
CA GLY A 339 -7.56 32.52 -5.43
C GLY A 339 -7.39 33.81 -4.65
N GLY A 340 -6.15 34.16 -4.35
CA GLY A 340 -5.86 35.39 -3.66
C GLY A 340 -4.37 35.65 -3.56
N SER A 341 -4.01 36.73 -2.89
CA SER A 341 -2.61 37.05 -2.66
C SER A 341 -2.38 37.31 -1.18
N GLU A 342 -1.19 36.97 -0.71
CA GLU A 342 -0.84 37.21 0.68
C GLU A 342 0.65 37.51 0.77
N LEU A 343 0.97 38.73 1.16
CA LEU A 343 2.35 39.18 1.29
C LEU A 343 2.65 39.66 2.70
N TYR A 344 3.89 39.50 3.15
CA TYR A 344 4.34 40.10 4.40
C TYR A 344 5.47 41.08 4.14
N ARG A 345 5.33 42.26 4.71
CA ARG A 345 6.25 43.35 4.42
C ARG A 345 6.67 44.03 5.71
N ARG A 346 7.92 44.44 5.80
CA ARG A 346 8.28 45.37 6.87
C ARG A 346 9.25 46.42 6.37
N ASN A 347 8.98 47.67 6.73
CA ASN A 347 9.89 48.77 6.47
C ASN A 347 11.23 48.54 7.14
N THR A 348 12.29 48.95 6.46
CA THR A 348 13.64 48.76 6.96
C THR A 348 14.44 50.06 6.79
N SER A 349 15.63 50.09 7.36
CA SER A 349 16.49 51.25 7.25
C SER A 349 17.83 50.92 6.59
N LEU A 350 17.77 50.20 5.48
CA LEU A 350 18.97 49.92 4.72
C LEU A 350 19.64 51.19 4.22
N ASN A 351 20.97 51.16 4.23
CA ASN A 351 21.79 52.21 3.65
C ASN A 351 22.28 51.67 2.30
N SER A 352 21.81 52.28 1.20
CA SER A 352 22.16 51.75 -0.11
C SER A 352 23.61 52.08 -0.48
N GLN A 353 24.29 52.85 0.36
CA GLN A 353 25.70 53.14 0.14
C GLN A 353 26.61 52.17 0.89
N GLN A 354 26.02 51.16 1.52
CA GLN A 354 26.74 50.07 2.17
C GLN A 354 26.23 48.75 1.63
N ASP A 355 27.10 47.74 1.59
CA ASP A 355 26.67 46.41 1.16
C ASP A 355 25.54 45.90 2.05
N TRP A 356 24.71 45.03 1.52
CA TRP A 356 23.76 44.33 2.38
C TRP A 356 23.50 42.95 1.78
N GLN A 357 22.99 42.03 2.59
CA GLN A 357 22.68 40.67 2.14
C GLN A 357 21.33 40.24 2.65
N SER A 358 20.62 39.46 1.85
CA SER A 358 19.40 38.86 2.31
C SER A 358 19.46 37.38 2.00
N ASN A 359 19.00 36.56 2.94
CA ASN A 359 18.93 35.13 2.74
C ASN A 359 17.48 34.67 2.94
N ALA A 360 16.91 33.97 1.97
CA ALA A 360 15.55 33.42 2.12
C ALA A 360 15.56 31.94 1.79
N LYS A 361 15.04 31.12 2.70
CA LYS A 361 15.01 29.68 2.44
C LYS A 361 13.58 29.31 2.09
N ILE A 362 13.37 28.95 0.83
CA ILE A 362 12.04 28.91 0.23
C ILE A 362 11.88 27.66 -0.61
N ARG A 363 10.71 27.03 -0.47
CA ARG A 363 10.26 25.94 -1.32
C ARG A 363 9.05 26.39 -2.12
N ILE A 364 9.07 26.19 -3.43
CA ILE A 364 7.90 26.48 -4.27
C ILE A 364 7.07 25.19 -4.43
N VAL A 365 5.84 25.20 -3.95
CA VAL A 365 4.99 24.01 -3.99
C VAL A 365 4.24 23.93 -5.32
N ASP A 366 3.67 25.06 -5.74
CA ASP A 366 3.03 25.15 -7.05
C ASP A 366 2.92 26.59 -7.53
N GLY A 367 2.54 26.73 -8.80
CA GLY A 367 2.20 28.00 -9.41
C GLY A 367 3.27 29.05 -9.58
N ALA A 368 2.87 30.31 -9.42
CA ALA A 368 3.70 31.46 -9.76
C ALA A 368 3.37 32.67 -8.89
N ALA A 369 3.92 33.83 -9.24
CA ALA A 369 3.76 35.06 -8.45
C ALA A 369 4.27 34.91 -7.00
N ASN A 370 5.19 33.98 -6.81
CA ASN A 370 5.83 33.79 -5.50
C ASN A 370 7.11 34.64 -5.39
N GLN A 371 7.14 35.58 -4.44
CA GLN A 371 8.20 36.61 -4.49
C GLN A 371 9.03 36.76 -3.21
N ILE A 372 10.30 37.10 -3.39
CA ILE A 372 11.11 37.66 -2.29
C ILE A 372 11.67 38.98 -2.80
N GLN A 373 11.60 40.01 -1.97
CA GLN A 373 11.90 41.38 -2.38
C GLN A 373 12.71 42.13 -1.33
N VAL A 374 13.69 42.89 -1.78
CA VAL A 374 14.36 43.85 -0.93
C VAL A 374 14.44 45.18 -1.66
N ALA A 375 14.07 46.25 -0.97
CA ALA A 375 14.26 47.60 -1.47
C ALA A 375 15.10 48.34 -0.44
N ASP A 376 16.09 49.11 -0.88
CA ASP A 376 17.03 49.72 0.06
C ASP A 376 17.04 51.25 0.08
N GLY A 377 15.97 51.87 -0.41
CA GLY A 377 15.87 53.32 -0.42
C GLY A 377 16.32 53.93 -1.73
N SER A 378 17.00 53.12 -2.55
CA SER A 378 17.51 53.60 -3.84
C SER A 378 17.00 52.74 -4.99
N ARG A 379 17.02 51.43 -4.77
CA ARG A 379 16.54 50.46 -5.75
C ARG A 379 15.76 49.33 -5.10
N LYS A 380 14.91 48.69 -5.89
CA LYS A 380 14.11 47.57 -5.45
C LYS A 380 14.51 46.34 -6.26
N TYR A 381 14.66 45.22 -5.55
CA TYR A 381 15.08 43.98 -6.17
C TYR A 381 14.03 42.92 -5.86
N VAL A 382 13.37 42.41 -6.88
CA VAL A 382 12.39 41.36 -6.63
C VAL A 382 12.63 40.12 -7.48
N VAL A 383 12.64 38.97 -6.81
CA VAL A 383 12.79 37.69 -7.47
C VAL A 383 11.44 37.00 -7.46
N THR A 384 10.93 36.63 -8.63
CA THR A 384 9.64 35.96 -8.72
C THR A 384 9.88 34.51 -9.11
N LEU A 385 9.39 33.58 -8.29
CA LEU A 385 9.66 32.17 -8.48
C LEU A 385 8.41 31.44 -8.92
N SER A 386 8.55 30.53 -9.87
CA SER A 386 7.39 29.84 -10.40
C SER A 386 7.71 28.41 -10.82
N ILE A 387 6.67 27.60 -10.99
CA ILE A 387 6.79 26.30 -11.64
C ILE A 387 6.17 26.41 -13.02
N ASP A 388 6.95 26.14 -14.06
CA ASP A 388 6.42 26.31 -15.41
C ASP A 388 5.65 25.07 -15.83
N GLU A 389 5.14 25.09 -17.07
CA GLU A 389 4.25 24.04 -17.58
C GLU A 389 4.89 22.66 -17.59
N SER A 390 6.21 22.62 -17.62
CA SER A 390 6.93 21.36 -17.74
C SER A 390 7.51 20.92 -16.41
N GLY A 391 7.25 21.69 -15.36
CA GLY A 391 7.63 21.31 -14.02
C GLY A 391 9.00 21.78 -13.61
N GLY A 392 9.55 22.74 -14.34
CA GLY A 392 10.83 23.36 -13.99
C GLY A 392 10.66 24.50 -13.00
N LEU A 393 11.75 24.87 -12.33
CA LEU A 393 11.76 25.97 -11.37
C LEU A 393 12.37 27.19 -12.04
N VAL A 394 11.61 28.29 -12.08
CA VAL A 394 11.95 29.46 -12.89
C VAL A 394 12.02 30.71 -12.03
N ALA A 395 13.06 31.52 -12.25
CA ALA A 395 13.15 32.85 -11.64
C ALA A 395 13.00 33.92 -12.70
N ASN A 396 12.18 34.93 -12.43
CA ASN A 396 12.19 36.17 -13.19
C ASN A 396 12.61 37.33 -12.28
N LEU A 397 13.46 38.21 -12.79
CA LEU A 397 13.93 39.34 -12.01
C LEU A 397 13.33 40.62 -12.55
N ASN A 398 12.96 41.55 -11.67
CA ASN A 398 12.44 42.82 -12.16
C ASN A 398 13.50 43.55 -12.97
N GLY A 399 13.09 44.10 -14.11
CA GLY A 399 13.97 44.85 -14.99
C GLY A 399 14.83 44.00 -15.92
N VAL A 400 14.69 42.68 -15.84
CA VAL A 400 15.46 41.75 -16.67
C VAL A 400 14.51 40.99 -17.61
N SER A 401 14.84 40.91 -18.91
CA SER A 401 13.86 40.41 -19.86
C SER A 401 13.65 38.89 -19.78
N ALA A 402 14.73 38.11 -19.76
CA ALA A 402 14.59 36.65 -19.90
C ALA A 402 14.45 35.89 -18.58
N PRO A 403 13.52 34.92 -18.53
CA PRO A 403 13.44 34.07 -17.34
C PRO A 403 14.69 33.20 -17.20
N ILE A 404 14.96 32.78 -15.97
CA ILE A 404 16.09 31.90 -15.68
C ILE A 404 15.56 30.57 -15.16
N ILE A 405 15.93 29.48 -15.82
CA ILE A 405 15.54 28.16 -15.34
C ILE A 405 16.57 27.74 -14.28
N LEU A 406 16.12 27.71 -13.02
CA LEU A 406 16.98 27.38 -11.89
C LEU A 406 17.22 25.87 -11.81
N GLN A 407 16.17 25.11 -12.11
CA GLN A 407 16.26 23.65 -12.04
CA GLN A 407 16.17 23.65 -11.94
C GLN A 407 15.20 23.01 -12.91
N SER A 408 15.55 21.89 -13.55
CA SER A 408 14.56 21.18 -14.37
C SER A 408 14.30 19.75 -13.88
N GLU A 409 15.23 19.23 -13.08
CA GLU A 409 15.10 17.92 -12.44
C GLU A 409 14.02 17.98 -11.35
N HIS A 410 12.96 17.19 -11.47
CA HIS A 410 11.76 17.40 -10.66
C HIS A 410 11.96 17.31 -9.14
N ALA A 411 12.82 16.42 -8.69
CA ALA A 411 13.08 16.32 -7.25
C ALA A 411 13.68 17.62 -6.72
N LYS A 412 14.62 18.19 -7.47
CA LYS A 412 15.28 19.41 -7.01
C LYS A 412 14.37 20.63 -7.15
N VAL A 413 13.47 20.58 -8.12
CA VAL A 413 12.53 21.67 -8.39
C VAL A 413 11.68 22.00 -7.18
N HIS A 414 11.19 20.99 -6.47
CA HIS A 414 10.27 21.23 -5.37
C HIS A 414 10.94 21.17 -4.00
N SER A 415 12.26 21.12 -3.99
CA SER A 415 13.01 21.17 -2.74
C SER A 415 13.13 22.61 -2.21
N PHE A 416 13.53 22.74 -0.95
CA PHE A 416 13.91 24.07 -0.45
C PHE A 416 15.19 24.48 -1.14
N HIS A 417 15.34 25.79 -1.36
CA HIS A 417 16.58 26.32 -1.86
C HIS A 417 16.96 27.54 -1.03
N ASP A 418 18.26 27.77 -0.93
CA ASP A 418 18.84 28.94 -0.25
C ASP A 418 19.05 30.07 -1.25
N TYR A 419 18.19 31.08 -1.22
CA TYR A 419 18.33 32.24 -2.09
C TYR A 419 19.12 33.30 -1.34
N GLU A 420 20.16 33.85 -1.96
CA GLU A 420 20.89 34.92 -1.33
C GLU A 420 21.00 36.06 -2.30
N LEU A 421 20.65 37.25 -1.83
CA LEU A 421 20.92 38.49 -2.56
C LEU A 421 22.11 39.15 -1.89
N GLN A 422 23.18 39.36 -2.65
CA GLN A 422 24.34 40.09 -2.15
C GLN A 422 24.42 41.43 -2.85
N TYR A 423 24.07 42.50 -2.14
CA TYR A 423 24.16 43.81 -2.75
C TYR A 423 25.54 44.42 -2.56
N SER A 424 26.11 44.90 -3.66
CA SER A 424 27.38 45.60 -3.63
C SER A 424 27.16 47.10 -3.72
N ALA A 425 27.56 47.83 -2.69
CA ALA A 425 27.45 49.27 -2.68
C ALA A 425 28.31 49.88 -3.80
N LEU A 426 29.48 49.27 -4.03
CA LEU A 426 30.42 49.75 -5.04
C LEU A 426 29.80 49.73 -6.44
N ASN A 427 29.14 48.62 -6.76
CA ASN A 427 28.58 48.43 -8.10
C ASN A 427 27.14 48.92 -8.22
N HIS A 428 26.50 49.15 -7.07
CA HIS A 428 25.07 49.44 -7.00
C HIS A 428 24.24 48.38 -7.73
N THR A 429 24.65 47.13 -7.60
CA THR A 429 23.91 46.00 -8.16
C THR A 429 23.89 44.84 -7.18
N THR A 430 23.02 43.88 -7.45
CA THR A 430 22.81 42.77 -6.55
C THR A 430 23.07 41.46 -7.28
N THR A 431 23.83 40.57 -6.63
CA THR A 431 24.10 39.26 -7.21
C THR A 431 23.23 38.22 -6.55
N LEU A 432 22.53 37.44 -7.37
CA LEU A 432 21.69 36.35 -6.87
C LEU A 432 22.49 35.06 -6.78
N PHE A 433 22.44 34.42 -5.62
CA PHE A 433 23.00 33.09 -5.39
C PHE A 433 21.86 32.14 -5.06
N VAL A 434 21.92 30.93 -5.59
CA VAL A 434 21.01 29.86 -5.18
C VAL A 434 21.79 28.61 -4.82
N ASP A 435 21.60 28.15 -3.59
CA ASP A 435 22.35 27.02 -3.03
C ASP A 435 23.86 27.20 -3.20
N GLY A 436 24.33 28.41 -2.94
CA GLY A 436 25.75 28.67 -2.94
C GLY A 436 26.31 29.01 -4.31
N GLN A 437 25.46 28.88 -5.33
CA GLN A 437 25.92 29.04 -6.71
C GLN A 437 25.55 30.42 -7.25
N GLN A 438 26.52 31.11 -7.84
CA GLN A 438 26.25 32.42 -8.41
C GLN A 438 25.39 32.27 -9.66
N ILE A 439 24.28 32.99 -9.70
CA ILE A 439 23.33 32.85 -10.79
C ILE A 439 23.48 33.99 -11.77
N THR A 440 23.27 35.22 -11.29
CA THR A 440 23.39 36.39 -12.14
C THR A 440 23.42 37.65 -11.29
N THR A 441 23.70 38.78 -11.94
CA THR A 441 23.72 40.07 -11.28
C THR A 441 22.79 41.02 -12.00
N TRP A 442 22.03 41.81 -11.26
CA TRP A 442 21.15 42.79 -11.88
C TRP A 442 20.96 44.01 -11.00
N ALA A 443 20.51 45.10 -11.61
CA ALA A 443 20.45 46.39 -10.93
C ALA A 443 19.07 46.64 -10.35
N GLY A 444 18.17 45.67 -10.52
CA GLY A 444 16.79 45.86 -10.10
C GLY A 444 16.25 47.10 -10.78
N GLU A 445 15.39 47.83 -10.09
CA GLU A 445 14.80 49.03 -10.67
C GLU A 445 14.71 50.13 -9.62
N VAL A 446 14.76 51.38 -10.07
CA VAL A 446 14.79 52.53 -9.19
C VAL A 446 13.55 52.58 -8.28
N SER A 447 13.77 52.94 -7.03
CA SER A 447 12.72 52.90 -6.01
C SER A 447 13.13 53.72 -4.78
N GLN A 448 12.17 54.37 -4.13
CA GLN A 448 12.48 55.03 -2.86
C GLN A 448 12.01 54.18 -1.67
N GLU A 449 11.44 53.01 -1.96
CA GLU A 449 11.01 52.10 -0.89
C GLU A 449 12.21 51.54 -0.13
N ASN A 450 11.98 51.20 1.13
CA ASN A 450 13.00 50.60 1.97
C ASN A 450 12.31 49.54 2.82
N ASN A 451 12.44 48.28 2.40
CA ASN A 451 11.71 47.19 3.02
C ASN A 451 12.18 45.82 2.56
N ILE A 452 11.66 44.80 3.22
CA ILE A 452 11.81 43.43 2.75
C ILE A 452 10.39 42.86 2.73
N GLN A 453 10.12 42.01 1.75
CA GLN A 453 8.77 41.52 1.52
C GLN A 453 8.81 40.12 0.93
N PHE A 454 7.86 39.28 1.31
CA PHE A 454 7.78 37.95 0.73
C PHE A 454 6.33 37.47 0.70
N GLY A 455 6.05 36.54 -0.20
CA GLY A 455 4.73 35.92 -0.21
C GLY A 455 4.25 35.63 -1.62
N ASN A 456 2.93 35.49 -1.76
CA ASN A 456 2.30 35.37 -3.07
C ASN A 456 1.63 36.68 -3.43
N ALA A 457 2.03 37.24 -4.56
CA ALA A 457 1.80 38.66 -4.82
C ALA A 457 0.63 39.00 -5.73
N ASP A 458 -0.05 37.99 -6.28
CA ASP A 458 -1.09 38.25 -7.27
C ASP A 458 -2.32 37.37 -7.05
N ALA A 459 -3.48 38.01 -6.90
CA ALA A 459 -4.72 37.29 -6.68
C ALA A 459 -5.18 36.52 -7.93
N GLN A 460 -4.63 36.90 -9.08
CA GLN A 460 -5.02 36.27 -10.35
C GLN A 460 -4.05 35.18 -10.77
N ILE A 461 -3.00 34.96 -9.98
CA ILE A 461 -2.02 33.93 -10.28
C ILE A 461 -1.85 33.01 -9.06
N ASP A 462 -2.34 31.78 -9.17
CA ASP A 462 -2.22 30.83 -8.06
C ASP A 462 -0.77 30.45 -7.81
N GLY A 463 -0.41 30.33 -6.53
CA GLY A 463 0.92 29.90 -6.15
C GLY A 463 0.94 29.55 -4.69
N ARG A 464 1.74 28.55 -4.35
CA ARG A 464 1.96 28.20 -2.96
C ARG A 464 3.46 28.13 -2.71
N LEU A 465 3.93 28.87 -1.71
CA LEU A 465 5.33 28.85 -1.33
C LEU A 465 5.47 28.57 0.17
N HIS A 466 6.50 27.84 0.54
CA HIS A 466 6.76 27.54 1.95
C HIS A 466 8.10 28.15 2.33
N VAL A 467 8.13 28.79 3.49
CA VAL A 467 9.25 29.62 3.89
C VAL A 467 9.83 29.07 5.20
N GLN A 468 11.15 28.86 5.25
CA GLN A 468 11.77 28.45 6.49
C GLN A 468 12.57 29.57 7.13
N LYS A 469 13.00 30.53 6.33
CA LYS A 469 13.90 31.56 6.85
C LYS A 469 13.90 32.78 5.96
N ILE A 470 13.81 33.96 6.58
CA ILE A 470 13.95 35.23 5.88
C ILE A 470 14.87 36.10 6.73
N VAL A 471 16.03 36.48 6.18
CA VAL A 471 17.01 37.27 6.92
C VAL A 471 17.45 38.47 6.08
N LEU A 472 17.68 39.60 6.75
CA LEU A 472 18.26 40.77 6.11
C LEU A 472 19.43 41.25 6.96
N THR A 473 20.58 41.48 6.33
CA THR A 473 21.82 41.75 7.02
C THR A 473 22.53 42.98 6.46
N GLN A 474 23.03 43.84 7.33
CA GLN A 474 23.88 44.94 6.90
C GLN A 474 24.88 45.29 7.99
N GLN A 475 26.12 45.52 7.60
CA GLN A 475 27.21 45.79 8.52
C GLN A 475 27.29 44.71 9.61
N GLY A 476 27.06 43.46 9.20
CA GLY A 476 27.20 42.31 10.08
C GLY A 476 26.07 42.09 11.07
N HIS A 477 25.01 42.90 10.96
CA HIS A 477 23.88 42.83 11.88
C HIS A 477 22.62 42.40 11.16
N ASN A 478 21.87 41.47 11.75
CA ASN A 478 20.63 41.05 11.14
C ASN A 478 19.51 42.03 11.48
N LEU A 479 19.13 42.84 10.50
CA LEU A 479 18.06 43.82 10.68
C LEU A 479 16.69 43.13 10.76
N VAL A 480 16.57 42.01 10.08
CA VAL A 480 15.37 41.19 10.08
C VAL A 480 15.79 39.74 10.19
N GLU A 481 15.10 38.97 11.03
CA GLU A 481 15.39 37.56 11.16
C GLU A 481 14.09 36.85 11.48
N PHE A 482 13.62 36.04 10.53
CA PHE A 482 12.39 35.29 10.72
C PHE A 482 12.68 33.82 10.44
N ASP A 483 12.60 33.00 11.47
CA ASP A 483 12.94 31.59 11.38
C ASP A 483 11.68 30.77 11.60
N ALA A 484 11.02 30.41 10.51
CA ALA A 484 9.76 29.69 10.58
C ALA A 484 9.99 28.22 10.91
N PHE A 485 11.14 27.68 10.54
CA PHE A 485 11.51 26.32 10.92
C PHE A 485 11.51 26.20 12.44
N TYR A 486 12.07 27.21 13.10
CA TYR A 486 12.09 27.25 14.55
C TYR A 486 10.69 27.49 15.10
N LEU A 487 10.02 28.53 14.60
CA LEU A 487 8.73 28.92 15.16
C LEU A 487 7.65 27.84 14.99
N ALA A 488 7.64 27.16 13.84
CA ALA A 488 6.60 26.16 13.58
C ALA A 488 6.51 25.10 14.69
N GLN A 489 7.63 24.76 15.32
CA GLN A 489 7.59 23.68 16.30
C GLN A 489 7.62 24.14 17.76
N GLN A 490 7.49 25.44 17.99
CA GLN A 490 7.40 25.94 19.36
C GLN A 490 6.00 25.75 19.94
N THR A 491 5.91 25.63 21.26
CA THR A 491 4.61 25.52 21.93
C THR A 491 3.82 26.84 21.85
N PRO A 492 2.49 26.80 22.09
CA PRO A 492 1.68 27.98 21.78
C PRO A 492 1.90 29.23 22.63
N GLU A 493 2.66 29.19 23.72
CA GLU A 493 2.91 30.44 24.46
C GLU A 493 3.96 31.30 23.75
N VAL A 494 4.64 30.73 22.77
CA VAL A 494 5.61 31.48 21.95
C VAL A 494 4.88 32.24 20.81
N GLU A 495 5.20 33.54 20.67
CA GLU A 495 4.56 34.34 19.63
C GLU A 495 5.04 33.93 18.24
N LYS A 496 4.10 33.60 17.35
CA LYS A 496 4.42 33.18 15.98
C LYS A 496 3.75 34.04 14.93
N ASP A 497 2.83 34.90 15.35
CA ASP A 497 2.03 35.69 14.43
C ASP A 497 2.90 36.78 13.81
N LEU A 498 3.13 36.68 12.51
CA LEU A 498 3.98 37.62 11.78
C LEU A 498 3.53 39.05 12.02
N GLU A 499 2.22 39.27 12.10
CA GLU A 499 1.69 40.62 12.33
C GLU A 499 1.93 41.12 13.76
N LYS A 500 2.27 40.23 14.68
CA LYS A 500 2.66 40.66 16.03
C LYS A 500 4.18 40.69 16.17
N LEU A 501 4.90 40.33 15.10
CA LEU A 501 6.35 40.27 15.13
C LEU A 501 6.96 41.37 14.23
N GLY A 502 6.16 42.41 13.97
CA GLY A 502 6.64 43.58 13.25
C GLY A 502 6.44 43.53 11.74
N TRP A 503 5.70 42.54 11.24
CA TRP A 503 5.38 42.49 9.83
C TRP A 503 3.99 43.04 9.55
N THR A 504 3.81 43.56 8.35
CA THR A 504 2.50 43.98 7.88
C THR A 504 1.96 42.95 6.88
N LYS A 505 0.74 42.49 7.11
CA LYS A 505 0.11 41.53 6.22
C LYS A 505 -0.70 42.25 5.15
N ILE A 506 -0.44 41.92 3.90
CA ILE A 506 -1.19 42.51 2.79
C ILE A 506 -1.87 41.41 1.97
N LYS A 507 -3.19 41.36 2.01
CA LYS A 507 -3.91 40.25 1.42
C LYS A 507 -5.07 40.71 0.53
N THR A 508 -5.25 40.05 -0.61
CA THR A 508 -6.44 40.24 -1.43
C THR A 508 -7.05 38.87 -1.76
N GLY A 509 -8.34 38.85 -2.08
CA GLY A 509 -9.03 37.61 -2.39
C GLY A 509 -9.04 36.64 -1.22
N ASN A 510 -9.04 35.34 -1.53
CA ASN A 510 -8.96 34.29 -0.52
C ASN A 510 -7.61 33.60 -0.53
N THR A 511 -7.06 33.35 0.66
CA THR A 511 -5.81 32.62 0.78
C THR A 511 -5.84 31.72 2.00
N MET A 512 -4.84 30.85 2.12
CA MET A 512 -4.68 30.09 3.34
C MET A 512 -3.23 30.14 3.74
N SER A 513 -2.96 30.39 5.01
CA SER A 513 -1.60 30.33 5.49
C SER A 513 -1.56 29.74 6.89
N LEU A 514 -0.40 29.20 7.25
CA LEU A 514 -0.28 28.40 8.45
C LEU A 514 1.17 28.02 8.69
N TYR A 515 1.50 27.72 9.94
CA TYR A 515 2.72 26.98 10.23
C TYR A 515 2.42 25.49 10.16
N GLY A 516 3.20 24.74 9.37
CA GLY A 516 2.98 23.29 9.25
C GLY A 516 4.28 22.56 9.00
N ASN A 517 4.26 21.25 8.80
CA ASN A 517 3.04 20.44 8.80
C ASN A 517 2.63 19.94 10.19
N ALA A 518 1.33 19.78 10.41
CA ALA A 518 0.84 19.27 11.69
C ALA A 518 1.25 17.81 11.90
N SER A 519 1.22 17.00 10.84
CA SER A 519 1.64 15.61 11.00
C SER A 519 2.00 14.91 9.69
N VAL A 520 2.83 13.88 9.79
CA VAL A 520 3.03 12.94 8.69
C VAL A 520 2.78 11.52 9.18
N ASN A 521 2.43 10.64 8.25
CA ASN A 521 1.90 9.32 8.62
C ASN A 521 2.07 8.39 7.42
N PRO A 522 2.80 7.27 7.58
CA PRO A 522 3.03 6.40 6.41
C PRO A 522 1.75 5.82 5.80
N GLY A 523 0.71 5.68 6.61
CA GLY A 523 -0.54 5.16 6.09
C GLY A 523 -0.49 3.64 5.98
N PRO A 524 -1.67 3.02 5.78
CA PRO A 524 -1.88 1.56 5.89
C PRO A 524 -1.66 0.80 4.59
N GLY A 525 -0.85 -0.25 4.65
CA GLY A 525 -0.50 -1.04 3.50
C GLY A 525 0.99 -1.25 3.44
N HIS A 526 1.50 -1.64 2.27
CA HIS A 526 2.95 -1.78 2.11
C HIS A 526 3.45 -0.72 1.13
N GLY A 527 4.77 -0.56 1.09
CA GLY A 527 5.42 0.27 0.09
C GLY A 527 6.14 -0.65 -0.87
N ILE A 528 6.92 -0.08 -1.78
CA ILE A 528 7.56 -0.89 -2.82
C ILE A 528 9.02 -0.49 -3.01
N THR A 529 9.79 -1.40 -3.61
CA THR A 529 11.15 -1.10 -4.05
C THR A 529 11.08 -1.06 -5.57
N LEU A 530 11.61 0.00 -6.16
CA LEU A 530 11.47 0.21 -7.61
C LEU A 530 12.53 -0.56 -8.40
N THR A 531 12.14 -1.16 -9.53
CA THR A 531 13.06 -1.93 -10.37
C THR A 531 12.94 -1.65 -11.86
N ARG A 532 12.03 -0.78 -12.28
CA ARG A 532 11.86 -0.49 -13.70
C ARG A 532 12.07 0.99 -13.99
N GLN A 533 13.05 1.59 -13.31
CA GLN A 533 13.28 3.03 -13.37
C GLN A 533 14.37 3.47 -14.35
N GLN A 534 14.90 2.51 -15.12
CA GLN A 534 15.94 2.76 -16.12
C GLN A 534 15.67 3.99 -17.00
N ASN A 535 14.45 4.09 -17.53
CA ASN A 535 14.12 5.18 -18.44
C ASN A 535 13.30 6.28 -17.79
N ILE A 536 13.31 6.32 -16.46
CA ILE A 536 12.61 7.36 -15.73
C ILE A 536 13.63 8.39 -15.28
N SER A 537 13.63 9.57 -15.90
CA SER A 537 14.70 10.52 -15.62
C SER A 537 14.65 11.03 -14.18
N GLY A 538 15.81 11.13 -13.55
CA GLY A 538 15.92 11.60 -12.18
C GLY A 538 15.70 10.52 -11.15
N SER A 539 15.17 9.38 -11.59
CA SER A 539 14.86 8.32 -10.65
C SER A 539 15.97 7.30 -10.61
N GLN A 540 15.77 6.22 -9.86
CA GLN A 540 16.82 5.24 -9.67
C GLN A 540 16.21 3.89 -9.26
N ASN A 541 16.74 2.80 -9.81
CA ASN A 541 16.32 1.48 -9.37
C ASN A 541 16.81 1.24 -7.94
N GLY A 542 15.97 0.59 -7.13
CA GLY A 542 16.31 0.33 -5.74
C GLY A 542 15.70 1.34 -4.79
N ARG A 543 15.06 2.37 -5.35
CA ARG A 543 14.34 3.35 -4.54
C ARG A 543 13.28 2.66 -3.67
N LEU A 544 13.29 2.98 -2.37
CA LEU A 544 12.24 2.54 -1.46
C LEU A 544 11.21 3.66 -1.41
N ILE A 545 9.93 3.36 -1.55
CA ILE A 545 8.94 4.43 -1.62
C ILE A 545 7.57 3.99 -1.09
N TYR A 546 6.91 4.90 -0.37
CA TYR A 546 5.53 4.68 0.04
C TYR A 546 4.74 5.99 -0.02
N PRO A 547 3.42 5.91 -0.16
CA PRO A 547 2.60 7.12 -0.25
C PRO A 547 2.07 7.51 1.12
N ALA A 548 2.66 8.56 1.70
CA ALA A 548 2.35 8.96 3.07
C ALA A 548 1.24 10.01 3.14
N ILE A 549 0.67 10.15 4.33
CA ILE A 549 -0.42 11.07 4.56
C ILE A 549 0.16 12.28 5.30
N VAL A 550 -0.01 13.47 4.73
CA VAL A 550 0.45 14.68 5.39
C VAL A 550 -0.74 15.59 5.71
N LEU A 551 -0.82 16.01 6.97
CA LEU A 551 -1.83 16.97 7.39
C LEU A 551 -1.13 18.32 7.48
N ASP A 552 -1.49 19.28 6.65
CA ASP A 552 -0.75 20.56 6.74
C ASP A 552 -1.20 21.32 8.00
N ARG A 553 -2.50 21.52 8.17
CA ARG A 553 -3.04 22.00 9.44
C ARG A 553 -4.42 21.37 9.64
N PHE A 554 -5.29 21.55 8.63
CA PHE A 554 -6.63 21.00 8.67
C PHE A 554 -7.00 20.17 7.45
N PHE A 555 -6.08 20.01 6.51
CA PHE A 555 -6.38 19.25 5.29
C PHE A 555 -5.38 18.13 5.05
N LEU A 556 -5.88 16.93 4.78
CA LEU A 556 -5.05 15.79 4.43
C LEU A 556 -4.71 15.77 2.94
N ASN A 557 -3.53 15.25 2.63
CA ASN A 557 -3.19 14.91 1.26
C ASN A 557 -2.11 13.86 1.34
N VAL A 558 -1.68 13.38 0.18
CA VAL A 558 -0.69 12.31 0.09
C VAL A 558 0.56 12.79 -0.64
N MET A 559 1.74 12.37 -0.17
CA MET A 559 2.99 12.60 -0.87
C MET A 559 3.84 11.36 -0.78
N SER A 560 4.76 11.19 -1.73
CA SER A 560 5.75 10.12 -1.61
C SER A 560 6.75 10.41 -0.51
N ILE A 561 7.11 9.38 0.23
CA ILE A 561 8.28 9.40 1.08
C ILE A 561 9.19 8.30 0.54
N TYR A 562 10.45 8.63 0.27
CA TYR A 562 11.30 7.68 -0.43
C TYR A 562 12.76 7.78 -0.01
N SER A 563 13.49 6.69 -0.24
CA SER A 563 14.92 6.66 0.01
C SER A 563 15.67 6.08 -1.16
N ASP A 564 16.74 6.76 -1.57
CA ASP A 564 17.60 6.26 -2.63
C ASP A 564 18.89 5.63 -2.09
N ASP A 565 19.00 5.46 -0.77
CA ASP A 565 20.21 4.82 -0.25
C ASP A 565 19.92 3.69 0.74
N GLY A 566 18.89 2.91 0.43
CA GLY A 566 18.58 1.72 1.21
C GLY A 566 17.79 2.00 2.48
N GLY A 567 17.39 3.24 2.68
CA GLY A 567 16.60 3.58 3.85
C GLY A 567 17.35 4.38 4.91
N SER A 568 18.62 4.67 4.65
CA SER A 568 19.43 5.48 5.58
C SER A 568 18.92 6.92 5.63
N ASN A 569 18.68 7.50 4.47
CA ASN A 569 18.18 8.87 4.40
C ASN A 569 16.93 8.98 3.55
N TRP A 570 15.96 9.77 4.01
CA TRP A 570 14.66 9.84 3.35
C TRP A 570 14.36 11.24 2.82
N GLN A 571 13.58 11.28 1.75
CA GLN A 571 13.14 12.50 1.11
C GLN A 571 11.64 12.44 0.88
N THR A 572 11.05 13.59 0.60
CA THR A 572 9.62 13.67 0.35
C THR A 572 9.37 14.24 -1.04
N GLY A 573 8.29 13.79 -1.67
CA GLY A 573 7.86 14.37 -2.93
C GLY A 573 6.73 15.36 -2.75
N SER A 574 6.17 15.80 -3.88
CA SER A 574 5.04 16.72 -3.90
C SER A 574 3.73 16.05 -3.53
N THR A 575 2.81 16.82 -2.97
CA THR A 575 1.48 16.28 -2.67
C THR A 575 0.68 16.10 -3.96
N LEU A 576 -0.33 15.23 -3.91
CA LEU A 576 -1.21 14.99 -5.04
C LEU A 576 -1.89 16.27 -5.52
N PRO A 577 -1.95 16.48 -6.84
CA PRO A 577 -2.71 17.64 -7.33
C PRO A 577 -4.21 17.42 -7.23
N ILE A 578 -4.90 18.33 -6.56
CA ILE A 578 -6.34 18.22 -6.37
C ILE A 578 -7.04 19.55 -6.65
N PRO A 579 -8.28 19.48 -7.15
CA PRO A 579 -9.04 20.70 -7.43
C PRO A 579 -9.48 21.41 -6.14
N PHE A 580 -9.77 22.69 -6.23
CA PHE A 580 -10.24 23.45 -5.08
C PHE A 580 -11.22 24.52 -5.52
N ARG A 581 -12.08 24.92 -4.60
CA ARG A 581 -12.99 26.03 -4.83
C ARG A 581 -13.25 26.73 -3.50
N TRP A 582 -13.27 28.06 -3.51
CA TRP A 582 -13.61 28.79 -2.30
C TRP A 582 -15.12 28.95 -2.19
N LYS A 583 -15.69 28.39 -1.13
CA LYS A 583 -17.11 28.58 -0.84
C LYS A 583 -17.34 30.02 -0.42
N SER A 584 -18.60 30.44 -0.44
CA SER A 584 -18.97 31.80 -0.07
C SER A 584 -18.44 32.21 1.31
N SER A 585 -18.32 31.24 2.21
CA SER A 585 -17.94 31.50 3.60
C SER A 585 -16.44 31.70 3.79
N SER A 586 -15.72 31.84 2.67
CA SER A 586 -14.26 31.82 2.68
C SER A 586 -13.79 30.52 3.34
N ILE A 587 -14.48 29.44 3.01
CA ILE A 587 -14.09 28.10 3.46
C ILE A 587 -13.74 27.28 2.21
N LEU A 588 -12.69 26.47 2.32
CA LEU A 588 -12.12 25.78 1.17
C LEU A 588 -12.84 24.48 0.84
N GLU A 589 -13.38 24.40 -0.38
CA GLU A 589 -13.93 23.15 -0.90
C GLU A 589 -12.89 22.42 -1.71
N THR A 590 -12.47 21.24 -1.24
CA THR A 590 -11.43 20.49 -1.92
C THR A 590 -11.50 19.02 -1.53
N LEU A 591 -10.53 18.22 -1.99
CA LEU A 591 -10.48 16.80 -1.63
C LEU A 591 -9.44 16.58 -0.55
N GLU A 592 -9.56 15.45 0.14
CA GLU A 592 -8.54 15.03 1.09
C GLU A 592 -8.15 13.57 0.87
N PRO A 593 -7.22 13.34 -0.05
CA PRO A 593 -6.70 11.98 -0.22
C PRO A 593 -5.99 11.55 1.06
N SER A 594 -6.14 10.29 1.44
CA SER A 594 -5.51 9.86 2.69
C SER A 594 -4.82 8.49 2.55
N GLU A 595 -5.53 7.43 2.86
CA GLU A 595 -4.93 6.11 2.85
C GLU A 595 -4.68 5.65 1.42
N ALA A 596 -3.41 5.45 1.08
CA ALA A 596 -3.06 5.25 -0.32
C ALA A 596 -2.12 4.05 -0.49
N ASP A 597 -2.11 3.51 -1.69
CA ASP A 597 -1.26 2.37 -2.04
C ASP A 597 -0.76 2.56 -3.47
N MET A 598 0.46 2.16 -3.75
CA MET A 598 0.99 2.35 -5.10
C MET A 598 1.67 1.09 -5.63
N VAL A 599 1.76 1.02 -6.95
CA VAL A 599 2.43 -0.06 -7.66
C VAL A 599 3.22 0.50 -8.87
N GLU A 600 4.37 -0.10 -9.15
CA GLU A 600 5.19 0.27 -10.29
C GLU A 600 4.72 -0.47 -11.54
N LEU A 601 4.32 0.28 -12.55
CA LEU A 601 3.85 -0.28 -13.81
C LEU A 601 5.04 -0.78 -14.63
N GLN A 602 4.75 -1.48 -15.72
CA GLN A 602 5.82 -2.06 -16.51
C GLN A 602 6.81 -1.01 -17.05
N ASN A 603 6.31 0.18 -17.41
CA ASN A 603 7.17 1.20 -18.01
C ASN A 603 7.85 2.13 -16.99
N GLY A 604 7.66 1.84 -15.70
CA GLY A 604 8.31 2.63 -14.67
C GLY A 604 7.42 3.75 -14.13
N ASP A 605 6.29 3.99 -14.77
CA ASP A 605 5.29 4.88 -14.19
C ASP A 605 4.78 4.27 -12.89
N LEU A 606 4.38 5.11 -11.93
CA LEU A 606 3.78 4.62 -10.69
C LEU A 606 2.29 4.92 -10.69
N LEU A 607 1.50 3.90 -10.37
CA LEU A 607 0.07 4.04 -10.24
C LEU A 607 -0.32 4.03 -8.76
N LEU A 608 -1.06 5.06 -8.35
CA LEU A 608 -1.41 5.27 -6.94
C LEU A 608 -2.92 5.24 -6.81
N THR A 609 -3.44 4.52 -5.82
CA THR A 609 -4.87 4.57 -5.56
C THR A 609 -5.07 5.10 -4.14
N ALA A 610 -5.97 6.06 -3.98
CA ALA A 610 -6.11 6.75 -2.70
C ALA A 610 -7.56 6.79 -2.26
N ARG A 611 -7.77 6.53 -0.97
CA ARG A 611 -9.03 6.81 -0.30
C ARG A 611 -9.27 8.33 -0.27
N LEU A 612 -10.47 8.76 -0.60
CA LEU A 612 -10.81 10.18 -0.55
C LEU A 612 -11.73 10.43 0.65
N ASP A 613 -11.19 11.11 1.67
CA ASP A 613 -11.93 11.27 2.93
C ASP A 613 -12.73 12.58 2.96
N PHE A 614 -13.78 12.60 3.79
CA PHE A 614 -14.63 13.76 3.97
C PHE A 614 -15.23 14.19 2.62
N ASN A 615 -15.17 15.47 2.28
CA ASN A 615 -15.77 15.94 1.03
C ASN A 615 -15.22 15.30 -0.25
N GLN A 616 -16.12 14.83 -1.12
CA GLN A 616 -15.72 14.24 -2.41
C GLN A 616 -16.13 15.08 -3.62
N ILE A 617 -16.81 16.19 -3.37
CA ILE A 617 -17.33 17.03 -4.45
C ILE A 617 -16.63 18.38 -4.52
N VAL A 618 -16.06 18.68 -5.67
CA VAL A 618 -15.39 19.95 -5.91
C VAL A 618 -15.92 20.57 -7.19
N ASN A 619 -16.47 21.78 -7.07
CA ASN A 619 -17.10 22.48 -8.18
C ASN A 619 -18.14 21.60 -8.89
N GLY A 620 -18.95 20.90 -8.10
CA GLY A 620 -20.03 20.10 -8.65
C GLY A 620 -19.62 18.74 -9.19
N VAL A 621 -18.34 18.41 -9.08
CA VAL A 621 -17.84 17.13 -9.57
C VAL A 621 -17.60 16.13 -8.44
N ASN A 622 -18.25 14.97 -8.51
CA ASN A 622 -18.07 13.94 -7.49
C ASN A 622 -16.92 13.01 -7.87
N TYR A 623 -15.88 12.99 -7.03
CA TYR A 623 -14.67 12.21 -7.32
C TYR A 623 -14.71 10.81 -6.71
N SER A 624 -15.82 10.49 -6.05
CA SER A 624 -16.06 9.16 -5.45
C SER A 624 -15.18 8.95 -4.19
N PRO A 625 -15.34 7.79 -3.50
CA PRO A 625 -14.50 7.57 -2.31
C PRO A 625 -13.08 7.12 -2.62
N ARG A 626 -12.72 7.03 -3.90
CA ARG A 626 -11.39 6.57 -4.27
C ARG A 626 -10.96 7.20 -5.57
N GLN A 627 -9.68 7.53 -5.69
CA GLN A 627 -9.20 8.19 -6.90
C GLN A 627 -7.80 7.71 -7.25
N GLN A 628 -7.55 7.45 -8.53
CA GLN A 628 -6.22 7.00 -8.95
C GLN A 628 -5.35 8.14 -9.52
N PHE A 629 -4.04 8.04 -9.29
CA PHE A 629 -3.09 9.06 -9.72
C PHE A 629 -1.90 8.39 -10.40
N LEU A 630 -1.23 9.12 -11.31
CA LEU A 630 -0.07 8.57 -12.02
C LEU A 630 1.18 9.42 -11.83
N SER A 631 2.31 8.76 -11.57
CA SER A 631 3.60 9.47 -11.61
C SER A 631 4.53 9.01 -12.72
N LYS A 632 5.09 9.97 -13.46
CA LYS A 632 6.02 9.67 -14.54
C LYS A 632 7.47 10.02 -14.21
N ASP A 633 7.74 10.38 -12.96
CA ASP A 633 9.10 10.79 -12.59
C ASP A 633 9.61 10.08 -11.34
N GLY A 634 9.11 8.87 -11.09
CA GLY A 634 9.58 8.08 -9.97
C GLY A 634 8.92 8.40 -8.65
N GLY A 635 7.77 9.07 -8.70
CA GLY A 635 6.99 9.36 -7.50
C GLY A 635 7.21 10.75 -6.94
N ILE A 636 7.92 11.61 -7.68
CA ILE A 636 8.12 12.99 -7.19
C ILE A 636 6.83 13.78 -7.34
N THR A 637 6.24 13.75 -8.53
CA THR A 637 4.99 14.44 -8.80
C THR A 637 3.95 13.51 -9.41
N TRP A 638 2.69 13.90 -9.31
CA TRP A 638 1.59 13.03 -9.69
C TRP A 638 0.63 13.81 -10.56
N SER A 639 -0.21 13.10 -11.30
CA SER A 639 -1.35 13.75 -11.95
C SER A 639 -2.60 12.93 -11.65
N LEU A 640 -3.71 13.63 -11.49
CA LEU A 640 -5.00 12.99 -11.24
C LEU A 640 -5.54 12.36 -12.51
N LEU A 641 -5.80 11.06 -12.46
CA LEU A 641 -6.31 10.37 -13.65
C LEU A 641 -7.81 10.61 -13.80
N GLU A 642 -8.18 11.49 -14.72
CA GLU A 642 -9.58 11.83 -14.93
C GLU A 642 -10.40 10.57 -15.25
N ALA A 643 -11.55 10.46 -14.57
CA ALA A 643 -12.48 9.34 -14.74
C ALA A 643 -11.87 7.99 -14.38
N ASN A 644 -10.80 7.99 -13.60
CA ASN A 644 -10.24 6.75 -13.09
C ASN A 644 -10.33 6.81 -11.58
N ASN A 645 -11.52 6.48 -11.05
CA ASN A 645 -11.80 6.59 -9.62
C ASN A 645 -12.47 5.30 -9.13
N ALA A 646 -13.43 5.39 -8.21
CA ALA A 646 -14.05 4.15 -7.73
C ALA A 646 -14.81 3.45 -8.87
N ASN A 647 -15.17 4.21 -9.89
CA ASN A 647 -15.94 3.68 -11.04
C ASN A 647 -15.27 2.52 -11.77
N VAL A 648 -13.95 2.42 -11.72
CA VAL A 648 -13.26 1.42 -12.54
C VAL A 648 -13.29 0.05 -11.87
N PHE A 649 -13.60 0.04 -10.58
CA PHE A 649 -13.77 -1.18 -9.81
C PHE A 649 -15.24 -1.52 -9.73
N SER A 650 -15.72 -2.36 -10.64
CA SER A 650 -17.12 -2.75 -10.63
C SER A 650 -17.49 -3.39 -9.29
N ASN A 651 -18.63 -3.00 -8.74
CA ASN A 651 -19.18 -3.56 -7.51
C ASN A 651 -18.29 -3.40 -6.28
N ILE A 652 -17.46 -2.37 -6.30
CA ILE A 652 -16.70 -2.04 -5.11
C ILE A 652 -17.66 -1.40 -4.10
N SER A 653 -17.36 -1.54 -2.81
CA SER A 653 -18.13 -0.82 -1.79
C SER A 653 -18.08 0.68 -2.06
N THR A 654 -19.17 1.37 -1.72
CA THR A 654 -19.26 2.80 -1.88
C THR A 654 -18.84 3.56 -0.63
N GLY A 655 -18.37 2.84 0.39
CA GLY A 655 -17.91 3.49 1.62
C GLY A 655 -16.40 3.63 1.68
N THR A 656 -15.92 4.70 2.32
CA THR A 656 -14.48 4.92 2.42
C THR A 656 -13.82 3.86 3.29
N VAL A 657 -12.70 3.34 2.81
CA VAL A 657 -12.00 2.24 3.48
C VAL A 657 -10.62 2.12 2.82
N ASP A 658 -9.64 1.59 3.55
CA ASP A 658 -8.33 1.32 2.96
C ASP A 658 -8.43 0.16 1.98
N ALA A 659 -7.68 0.28 0.89
CA ALA A 659 -7.58 -0.78 -0.12
C ALA A 659 -6.13 -1.27 -0.21
N SER A 660 -5.87 -2.15 -1.15
CA SER A 660 -4.51 -2.61 -1.40
C SER A 660 -4.35 -2.81 -2.91
N ILE A 661 -3.16 -2.53 -3.42
CA ILE A 661 -2.87 -2.80 -4.82
C ILE A 661 -1.46 -3.38 -4.87
N THR A 662 -1.22 -4.30 -5.80
CA THR A 662 0.11 -4.92 -5.85
C THR A 662 0.36 -5.58 -7.20
N ARG A 663 1.62 -5.80 -7.51
CA ARG A 663 2.01 -6.44 -8.78
C ARG A 663 2.04 -7.94 -8.61
N PHE A 664 1.61 -8.66 -9.65
CA PHE A 664 1.76 -10.11 -9.68
C PHE A 664 2.48 -10.51 -10.96
N GLU A 665 3.57 -11.25 -10.81
CA GLU A 665 4.37 -11.65 -11.96
C GLU A 665 4.45 -13.17 -12.06
N GLN A 666 4.04 -13.71 -13.22
CA GLN A 666 4.05 -15.15 -13.45
C GLN A 666 5.40 -15.63 -13.94
N SER A 667 5.64 -16.94 -13.84
CA SER A 667 6.94 -17.49 -14.18
C SER A 667 7.26 -17.38 -15.68
N ASP A 668 6.23 -17.26 -16.52
CA ASP A 668 6.45 -17.12 -17.97
C ASP A 668 6.81 -15.68 -18.38
N GLY A 669 6.90 -14.79 -17.40
CA GLY A 669 7.28 -13.41 -17.65
C GLY A 669 6.14 -12.40 -17.62
N SER A 670 4.93 -12.87 -17.87
CA SER A 670 3.75 -12.01 -17.84
C SER A 670 3.46 -11.45 -16.44
N HIS A 671 2.74 -10.36 -16.40
CA HIS A 671 2.42 -9.68 -15.13
C HIS A 671 1.06 -9.01 -15.21
N PHE A 672 0.47 -8.75 -14.05
CA PHE A 672 -0.78 -8.00 -14.01
C PHE A 672 -0.92 -7.42 -12.61
N LEU A 673 -1.94 -6.57 -12.41
CA LEU A 673 -2.17 -5.94 -11.13
C LEU A 673 -3.30 -6.63 -10.36
N LEU A 674 -3.16 -6.71 -9.04
CA LEU A 674 -4.22 -7.16 -8.15
C LEU A 674 -4.64 -6.04 -7.20
N PHE A 675 -5.93 -6.00 -6.85
CA PHE A 675 -6.48 -4.95 -5.99
C PHE A 675 -7.53 -5.58 -5.07
N THR A 676 -7.51 -5.24 -3.78
CA THR A 676 -8.51 -5.76 -2.82
C THR A 676 -9.21 -4.64 -2.05
N ASN A 677 -10.48 -4.88 -1.72
CA ASN A 677 -11.40 -3.90 -1.13
C ASN A 677 -12.71 -4.62 -0.83
N PRO A 678 -13.44 -4.24 0.24
CA PRO A 678 -14.78 -4.79 0.40
C PRO A 678 -15.70 -4.48 -0.80
N GLN A 679 -16.61 -5.41 -1.10
CA GLN A 679 -17.66 -5.18 -2.12
C GLN A 679 -18.88 -4.49 -1.52
N GLY A 680 -19.03 -4.59 -0.20
CA GLY A 680 -20.29 -4.29 0.46
C GLY A 680 -21.24 -5.48 0.30
N ASN A 681 -22.32 -5.50 1.08
CA ASN A 681 -23.33 -6.55 0.95
C ASN A 681 -24.74 -5.93 0.96
N PRO A 682 -25.42 -5.91 -0.19
CA PRO A 682 -24.99 -6.45 -1.49
C PRO A 682 -23.85 -5.67 -2.15
N ALA A 683 -23.21 -6.31 -3.12
CA ALA A 683 -22.06 -5.71 -3.78
C ALA A 683 -22.43 -4.38 -4.41
N GLY A 684 -21.54 -3.40 -4.32
CA GLY A 684 -21.82 -2.07 -4.81
C GLY A 684 -22.55 -1.17 -3.83
N THR A 685 -22.79 -1.65 -2.61
CA THR A 685 -23.38 -0.79 -1.58
C THR A 685 -22.32 -0.37 -0.54
N ASN A 686 -22.75 0.43 0.43
CA ASN A 686 -21.82 0.94 1.44
C ASN A 686 -21.75 -0.04 2.59
N GLY A 687 -20.60 -0.69 2.73
CA GLY A 687 -20.44 -1.65 3.80
C GLY A 687 -19.09 -2.31 3.79
N ARG A 688 -18.48 -2.43 4.96
CA ARG A 688 -17.24 -3.19 5.09
C ARG A 688 -17.57 -4.68 5.17
N GLN A 689 -17.98 -5.24 4.03
CA GLN A 689 -18.38 -6.63 3.90
C GLN A 689 -17.79 -7.26 2.64
N ASN A 690 -17.58 -8.57 2.68
CA ASN A 690 -17.28 -9.35 1.47
C ASN A 690 -16.10 -8.82 0.64
N LEU A 691 -14.88 -9.08 1.12
CA LEU A 691 -13.68 -8.68 0.39
C LEU A 691 -13.69 -9.20 -1.04
N GLY A 692 -13.41 -8.30 -1.98
CA GLY A 692 -13.30 -8.64 -3.38
C GLY A 692 -11.88 -8.51 -3.91
N LEU A 693 -11.62 -9.23 -5.01
CA LEU A 693 -10.33 -9.20 -5.69
C LEU A 693 -10.53 -8.77 -7.14
N TRP A 694 -9.86 -7.70 -7.53
CA TRP A 694 -9.91 -7.21 -8.92
C TRP A 694 -8.55 -7.39 -9.60
N PHE A 695 -8.56 -7.56 -10.92
CA PHE A 695 -7.36 -7.77 -11.74
C PHE A 695 -7.26 -6.67 -12.79
N SER A 696 -6.05 -6.20 -13.10
CA SER A 696 -5.87 -5.36 -14.30
C SER A 696 -4.80 -5.94 -15.20
N PHE A 697 -5.17 -6.22 -16.45
CA PHE A 697 -4.25 -6.79 -17.42
C PHE A 697 -3.71 -5.75 -18.38
N ASP A 698 -4.03 -4.48 -18.15
CA ASP A 698 -3.62 -3.43 -19.08
C ASP A 698 -3.02 -2.23 -18.36
N GLU A 699 -2.26 -2.51 -17.31
CA GLU A 699 -1.49 -1.49 -16.57
C GLU A 699 -2.40 -0.46 -15.91
N GLY A 700 -3.57 -0.89 -15.46
CA GLY A 700 -4.43 -0.05 -14.65
C GLY A 700 -5.44 0.79 -15.42
N VAL A 701 -5.58 0.55 -16.71
CA VAL A 701 -6.60 1.26 -17.48
C VAL A 701 -7.99 0.74 -17.17
N THR A 702 -8.12 -0.59 -17.08
CA THR A 702 -9.40 -1.20 -16.72
C THR A 702 -9.16 -2.32 -15.72
N TRP A 703 -10.22 -2.66 -14.99
CA TRP A 703 -10.15 -3.69 -13.96
C TRP A 703 -11.22 -4.76 -14.19
N LYS A 704 -10.84 -6.02 -14.00
CA LYS A 704 -11.79 -7.12 -14.11
C LYS A 704 -12.11 -7.67 -12.72
N GLY A 705 -13.34 -8.12 -12.53
CA GLY A 705 -13.76 -8.66 -11.24
C GLY A 705 -14.97 -7.91 -10.72
N PRO A 706 -15.25 -8.03 -9.42
CA PRO A 706 -14.42 -8.71 -8.43
C PRO A 706 -14.68 -10.21 -8.34
N ILE A 707 -13.69 -10.98 -7.92
CA ILE A 707 -13.89 -12.33 -7.43
C ILE A 707 -14.02 -12.23 -5.90
N GLN A 708 -15.15 -12.67 -5.36
CA GLN A 708 -15.37 -12.55 -3.92
C GLN A 708 -14.46 -13.54 -3.19
N LEU A 709 -13.73 -13.02 -2.20
CA LEU A 709 -12.76 -13.83 -1.43
C LEU A 709 -13.29 -14.20 -0.04
N VAL A 710 -14.18 -13.37 0.49
CA VAL A 710 -14.61 -13.53 1.88
C VAL A 710 -16.12 -13.36 1.97
N ASN A 711 -16.75 -14.17 2.80
CA ASN A 711 -18.16 -14.00 3.13
C ASN A 711 -18.29 -13.46 4.56
N GLY A 712 -18.77 -12.23 4.68
CA GLY A 712 -18.97 -11.64 5.99
C GLY A 712 -18.14 -10.37 6.12
N ALA A 713 -17.85 -9.98 7.36
CA ALA A 713 -17.06 -8.76 7.61
C ALA A 713 -15.76 -8.72 6.81
N SER A 714 -15.46 -7.55 6.22
CA SER A 714 -14.23 -7.32 5.47
C SER A 714 -13.93 -5.83 5.44
N ALA A 715 -12.88 -5.42 6.14
CA ALA A 715 -12.55 -4.00 6.19
C ALA A 715 -11.20 -3.78 5.53
N TYR A 716 -10.21 -3.29 6.29
CA TYR A 716 -8.87 -3.06 5.73
C TYR A 716 -8.25 -4.38 5.29
N SER A 717 -7.48 -4.32 4.21
CA SER A 717 -6.81 -5.52 3.68
C SER A 717 -5.50 -5.16 3.04
N ASP A 718 -4.63 -6.14 2.87
CA ASP A 718 -3.38 -5.95 2.13
C ASP A 718 -3.03 -7.24 1.38
N ILE A 719 -2.64 -7.11 0.11
CA ILE A 719 -2.33 -8.28 -0.73
C ILE A 719 -0.89 -8.16 -1.25
N TYR A 720 -0.19 -9.28 -1.31
CA TYR A 720 1.20 -9.30 -1.75
C TYR A 720 1.53 -10.64 -2.41
N GLN A 721 2.36 -10.61 -3.44
CA GLN A 721 2.73 -11.86 -4.11
C GLN A 721 3.58 -12.76 -3.19
N LEU A 722 3.14 -13.99 -3.07
CA LEU A 722 3.73 -14.96 -2.16
C LEU A 722 4.75 -15.83 -2.91
N ASP A 723 4.34 -16.35 -4.06
CA ASP A 723 5.26 -17.06 -4.95
C ASP A 723 4.72 -16.96 -6.38
N SER A 724 5.27 -17.74 -7.30
CA SER A 724 4.91 -17.59 -8.71
C SER A 724 3.44 -17.93 -9.01
N GLU A 725 2.74 -18.56 -8.08
CA GLU A 725 1.37 -18.99 -8.31
C GLU A 725 0.34 -18.42 -7.32
N ASN A 726 0.82 -17.88 -6.20
CA ASN A 726 -0.06 -17.48 -5.11
C ASN A 726 0.18 -16.06 -4.62
N ALA A 727 -0.88 -15.43 -4.13
CA ALA A 727 -0.71 -14.18 -3.40
C ALA A 727 -1.25 -14.39 -2.00
N ILE A 728 -0.72 -13.63 -1.05
CA ILE A 728 -1.19 -13.75 0.33
C ILE A 728 -1.95 -12.49 0.69
N VAL A 729 -3.09 -12.67 1.34
CA VAL A 729 -3.95 -11.56 1.74
C VAL A 729 -4.07 -11.54 3.26
N ILE A 730 -4.00 -10.35 3.84
CA ILE A 730 -4.38 -10.20 5.24
C ILE A 730 -5.56 -9.24 5.26
N VAL A 731 -6.59 -9.58 6.03
CA VAL A 731 -7.83 -8.82 5.97
C VAL A 731 -8.54 -8.75 7.33
N GLU A 732 -9.02 -7.56 7.69
CA GLU A 732 -9.82 -7.39 8.91
C GLU A 732 -11.21 -7.98 8.68
N THR A 733 -11.67 -8.81 9.62
CA THR A 733 -12.96 -9.47 9.45
C THR A 733 -13.81 -9.28 10.71
N ASP A 734 -14.35 -10.34 11.29
CA ASP A 734 -15.24 -10.21 12.43
C ASP A 734 -14.53 -9.60 13.64
N ASN A 735 -15.12 -8.55 14.21
CA ASN A 735 -14.54 -7.83 15.36
CA ASN A 735 -14.53 -7.87 15.36
C ASN A 735 -13.12 -7.35 15.04
N SER A 736 -12.88 -7.13 13.74
CA SER A 736 -11.59 -6.71 13.20
C SER A 736 -10.51 -7.78 13.25
N ASN A 737 -10.85 -9.01 13.65
CA ASN A 737 -9.90 -10.12 13.55
C ASN A 737 -9.23 -10.17 12.18
N MET A 738 -7.91 -10.23 12.17
CA MET A 738 -7.16 -10.19 10.93
C MET A 738 -6.77 -11.60 10.52
N ARG A 739 -7.15 -11.95 9.29
CA ARG A 739 -7.08 -13.33 8.83
C ARG A 739 -6.24 -13.43 7.56
N ILE A 740 -5.63 -14.59 7.37
CA ILE A 740 -4.73 -14.86 6.26
C ILE A 740 -5.44 -15.70 5.19
N LEU A 741 -5.43 -15.22 3.94
CA LEU A 741 -5.87 -16.00 2.78
C LEU A 741 -4.68 -16.27 1.88
N ARG A 742 -4.56 -17.50 1.35
CA ARG A 742 -3.47 -17.78 0.45
C ARG A 742 -4.10 -18.19 -0.88
N MET A 743 -4.05 -17.27 -1.83
CA MET A 743 -4.89 -17.33 -3.01
C MET A 743 -4.14 -17.79 -4.24
N PRO A 744 -4.64 -18.85 -4.87
CA PRO A 744 -4.05 -19.36 -6.11
C PRO A 744 -4.41 -18.45 -7.28
N ILE A 745 -3.68 -17.34 -7.38
CA ILE A 745 -3.95 -16.32 -8.39
C ILE A 745 -3.95 -16.86 -9.82
N THR A 746 -2.99 -17.71 -10.17
CA THR A 746 -2.91 -18.20 -11.53
C THR A 746 -4.06 -19.16 -11.86
N LEU A 747 -4.69 -19.71 -10.83
CA LEU A 747 -5.87 -20.54 -11.05
C LEU A 747 -7.09 -19.62 -11.17
N LEU A 748 -7.28 -18.75 -10.17
CA LEU A 748 -8.43 -17.83 -10.14
C LEU A 748 -8.57 -16.92 -11.36
N LYS A 749 -7.45 -16.49 -11.93
CA LYS A 749 -7.54 -15.53 -13.04
C LYS A 749 -8.26 -16.16 -14.23
N GLN A 750 -8.27 -17.49 -14.27
CA GLN A 750 -8.89 -18.19 -15.40
C GLN A 750 -10.42 -18.13 -15.35
N LYS A 751 -10.97 -17.69 -14.23
CA LYS A 751 -12.41 -17.48 -14.14
C LYS A 751 -12.82 -16.27 -14.99
N LEU A 752 -11.83 -15.47 -15.37
CA LEU A 752 -12.07 -14.21 -16.07
C LEU A 752 -11.80 -14.27 -17.58
N THR A 753 -11.28 -15.38 -18.07
CA THR A 753 -10.97 -15.47 -19.50
C THR A 753 -12.14 -16.07 -20.30
N LEU A 754 -11.96 -16.18 -21.62
CA LEU A 754 -13.00 -16.67 -22.51
C LEU A 754 -13.48 -18.08 -22.18
N SER A 755 -14.78 -18.32 -22.36
CA SER A 755 -15.39 -19.62 -22.12
C SER A 755 -16.28 -20.03 -23.30
C1 ZMR B . -11.21 3.72 9.55
O1A ZMR B . -11.93 4.30 8.71
O1B ZMR B . -11.34 2.53 9.92
C2 ZMR B . -10.10 4.56 10.24
C3 ZMR B . -8.88 3.69 10.57
C4 ZMR B . -7.59 4.48 10.80
C5 ZMR B . -7.83 5.99 10.82
N5 ZMR B . -6.49 6.62 10.80
C10 ZMR B . -5.97 7.27 11.86
O10 ZMR B . -6.55 7.41 12.92
C11 ZMR B . -4.56 7.85 11.64
C6 ZMR B . -8.59 6.39 9.56
O6 ZMR B . -9.83 5.67 9.37
C7 ZMR B . -8.96 7.89 9.55
O7 ZMR B . -9.79 8.18 10.65
C8 ZMR B . -9.76 8.19 8.29
O8 ZMR B . -8.97 7.90 7.12
C9 ZMR B . -10.24 9.66 8.27
O9 ZMR B . -9.16 10.53 7.89
NE ZMR B . -6.96 4.05 12.06
CZ ZMR B . -5.64 3.84 12.23
NH1 ZMR B . -4.80 3.99 11.21
NH2 ZMR B . -5.18 3.46 13.42
C1 GOL C . -0.93 32.83 21.54
O1 GOL C . -1.69 33.66 20.68
C2 GOL C . -0.08 33.69 22.48
O2 GOL C . 1.28 33.60 22.13
C3 GOL C . -0.51 35.13 22.32
O3 GOL C . -0.06 35.58 21.07
C1 GOL D . 0.03 28.46 13.08
O1 GOL D . -0.48 28.04 11.84
C2 GOL D . -0.55 27.60 14.18
O2 GOL D . 0.06 27.92 15.41
C3 GOL D . -0.41 26.13 13.81
O3 GOL D . 0.95 25.77 13.62
C1 GOL E . -10.86 19.24 8.75
O1 GOL E . -10.77 19.59 7.38
C2 GOL E . -11.87 18.11 8.93
O2 GOL E . -11.42 17.16 9.88
C3 GOL E . -12.14 17.45 7.58
O3 GOL E . -13.40 17.86 7.12
C1 GOL F . 0.45 19.56 2.45
O1 GOL F . -0.53 19.53 1.42
C2 GOL F . 1.65 20.36 2.03
O2 GOL F . 2.09 21.18 3.10
C3 GOL F . 1.28 21.16 0.78
O3 GOL F . 1.69 20.44 -0.37
CA CA G . -3.71 0.27 1.95
NA NA H . -13.81 -50.20 -4.98
NA NA I . -3.09 7.16 23.57
C1 PEG J . 1.35 -34.22 7.07
O1 PEG J . 2.28 -35.28 7.31
C2 PEG J . 0.40 -34.08 8.25
O2 PEG J . -0.74 -33.33 7.82
C3 PEG J . -1.40 -32.59 8.84
C4 PEG J . -2.81 -33.17 8.96
O4 PEG J . -2.68 -34.52 9.42
#